data_6CMV
#
_entry.id   6CMV
#
_cell.length_a   72.859
_cell.length_b   94.314
_cell.length_c   78.909
_cell.angle_alpha   90.00
_cell.angle_beta   112.00
_cell.angle_gamma   90.00
#
_symmetry.space_group_name_H-M   'P 1 21 1'
#
loop_
_entity.id
_entity.type
_entity.pdbx_description
1 polymer 'Transcriptional regulator Lrs14-like protein'
2 non-polymer GLYCEROL
3 non-polymer (4S)-2-METHYL-2,4-PENTANEDIOL
4 water water
#
_entity_poly.entity_id   1
_entity_poly.type   'polypeptide(L)'
_entity_poly.pdbx_seq_one_letter_code
;(MSE)GSSHHHHHHSQDPNS(MSE)ETVLQIPYQKKTQIEKLLEF(MSE)YGLNEKEVQLIFRLLYSDTKLNIEELAEEF
KVSKALISKSLSELANKGLIEREKVSNEGRKGRPIYVYYVDREQLFKRISRDLEELVQASIAKLKEYIFKS
;
_entity_poly.pdbx_strand_id   A,B,C,D,E,F
#
loop_
_chem_comp.id
_chem_comp.type
_chem_comp.name
_chem_comp.formula
GOL non-polymer GLYCEROL 'C3 H8 O3'
MPD non-polymer (4S)-2-METHYL-2,4-PENTANEDIOL 'C6 H14 O2'
#
# COMPACT_ATOMS: atom_id res chain seq x y z
N LYS A 27 29.97 9.70 17.62
CA LYS A 27 29.36 8.53 18.25
C LYS A 27 27.84 8.61 18.16
N LYS A 28 27.17 7.68 18.83
CA LYS A 28 25.71 7.60 18.80
C LYS A 28 25.06 8.72 19.61
N THR A 29 24.03 9.32 19.01
CA THR A 29 23.19 10.32 19.66
C THR A 29 22.50 9.69 20.86
N GLN A 30 22.26 10.50 21.87
CA GLN A 30 21.57 10.05 23.05
C GLN A 30 20.15 9.62 22.67
N ILE A 31 19.51 10.34 21.76
CA ILE A 31 18.17 10.01 21.34
C ILE A 31 18.15 8.67 20.63
N GLU A 32 19.14 8.44 19.81
CA GLU A 32 19.24 7.19 19.10
C GLU A 32 19.39 6.11 20.12
N LYS A 33 20.12 6.40 21.17
CA LYS A 33 20.31 5.45 22.23
C LYS A 33 18.99 5.16 22.92
N LEU A 34 18.19 6.18 23.11
CA LEU A 34 16.89 6.03 23.73
C LEU A 34 15.93 5.20 22.90
N LEU A 35 15.88 5.43 21.60
CA LEU A 35 14.99 4.63 20.75
C LEU A 35 15.42 3.17 20.72
N GLU A 36 16.72 2.92 20.70
CA GLU A 36 17.22 1.56 20.74
C GLU A 36 16.78 0.82 22.03
N PHE A 37 17.04 1.43 23.18
CA PHE A 37 16.55 0.93 24.46
C PHE A 37 15.02 0.70 24.55
N MSE A 38 14.24 1.67 24.10
CA MSE A 38 12.78 1.62 24.27
C MSE A 38 12.07 0.61 23.38
O MSE A 38 11.08 0.00 23.78
CB MSE A 38 12.17 2.98 23.99
CG MSE A 38 12.45 4.04 25.02
SE MSE A 38 11.65 5.72 24.44
CE MSE A 38 9.81 5.22 24.76
N TYR A 39 12.57 0.47 22.16
CA TYR A 39 11.84 -0.30 21.17
C TYR A 39 12.61 -1.50 20.67
N GLY A 40 13.66 -1.86 21.39
CA GLY A 40 14.60 -2.89 20.96
C GLY A 40 14.94 -2.81 19.48
N LEU A 41 15.58 -1.72 19.06
CA LEU A 41 15.96 -1.54 17.66
C LEU A 41 17.48 -1.47 17.53
N ASN A 42 18.03 -2.00 16.44
CA ASN A 42 19.45 -1.79 16.19
C ASN A 42 19.69 -0.43 15.52
N GLU A 43 20.96 -0.14 15.28
CA GLU A 43 21.42 1.14 14.75
C GLU A 43 20.77 1.48 13.41
N LYS A 44 20.58 0.46 12.57
CA LYS A 44 20.07 0.68 11.21
C LYS A 44 18.57 0.93 11.19
N GLU A 45 17.84 0.33 12.13
CA GLU A 45 16.40 0.55 12.21
C GLU A 45 16.08 2.00 12.60
N VAL A 46 16.88 2.58 13.48
CA VAL A 46 16.65 3.98 13.85
C VAL A 46 16.92 4.88 12.66
N GLN A 47 17.97 4.59 11.89
CA GLN A 47 18.27 5.32 10.66
C GLN A 47 17.15 5.24 9.65
N LEU A 48 16.61 4.03 9.47
CA LEU A 48 15.42 3.83 8.65
C LEU A 48 14.25 4.73 9.10
N ILE A 49 13.97 4.78 10.39
CA ILE A 49 12.89 5.63 10.87
C ILE A 49 13.18 7.10 10.53
N PHE A 50 14.44 7.49 10.65
CA PHE A 50 14.79 8.89 10.44
C PHE A 50 14.87 9.21 8.97
N ARG A 51 15.17 8.21 8.16
CA ARG A 51 15.16 8.41 6.73
C ARG A 51 13.72 8.73 6.29
N LEU A 52 12.75 8.02 6.85
CA LEU A 52 11.34 8.26 6.56
C LEU A 52 10.88 9.61 7.11
N LEU A 53 11.15 9.84 8.39
CA LEU A 53 10.83 11.07 9.06
C LEU A 53 11.22 12.30 8.21
N TYR A 54 12.42 12.25 7.65
CA TYR A 54 13.00 13.41 7.02
C TYR A 54 12.68 13.54 5.52
N SER A 55 12.10 12.49 4.94
CA SER A 55 11.60 12.53 3.56
C SER A 55 10.42 13.48 3.34
N ASP A 56 10.37 14.11 2.17
CA ASP A 56 9.23 14.94 1.79
C ASP A 56 8.15 14.10 1.09
N THR A 57 8.41 12.82 0.89
CA THR A 57 7.43 11.93 0.24
C THR A 57 7.44 10.52 0.85
N LYS A 58 6.36 9.78 0.61
CA LYS A 58 6.33 8.35 0.90
C LYS A 58 7.31 7.54 0.03
N LEU A 59 7.77 6.42 0.56
CA LEU A 59 8.90 5.70 -0.02
C LEU A 59 8.55 4.23 -0.16
N ASN A 60 8.96 3.64 -1.28
CA ASN A 60 8.73 2.21 -1.55
C ASN A 60 9.95 1.37 -1.15
N ILE A 61 9.79 0.05 -1.11
CA ILE A 61 10.88 -0.80 -0.61
C ILE A 61 12.09 -0.88 -1.54
N GLU A 62 11.88 -0.65 -2.82
CA GLU A 62 12.96 -0.82 -3.78
C GLU A 62 14.02 0.28 -3.57
N GLU A 63 13.59 1.52 -3.40
CA GLU A 63 14.56 2.59 -3.18
C GLU A 63 15.18 2.50 -1.77
N LEU A 64 14.42 1.99 -0.81
CA LEU A 64 14.95 1.87 0.55
C LEU A 64 15.94 0.70 0.67
N ALA A 65 15.69 -0.39 -0.06
CA ALA A 65 16.61 -1.52 -0.10
C ALA A 65 17.94 -1.09 -0.65
N GLU A 66 17.88 -0.32 -1.73
CA GLU A 66 19.07 0.20 -2.39
C GLU A 66 19.86 1.09 -1.45
N GLU A 67 19.15 1.99 -0.79
CA GLU A 67 19.77 2.96 0.09
C GLU A 67 20.38 2.30 1.33
N PHE A 68 19.70 1.30 1.89
CA PHE A 68 20.22 0.68 3.11
C PHE A 68 21.08 -0.55 2.82
N LYS A 69 21.33 -0.80 1.53
CA LYS A 69 22.21 -1.87 1.08
C LYS A 69 21.85 -3.24 1.68
N VAL A 70 20.59 -3.63 1.54
CA VAL A 70 20.13 -4.95 1.91
C VAL A 70 19.17 -5.42 0.82
N SER A 71 18.75 -6.67 0.88
CA SER A 71 17.78 -7.19 -0.09
C SER A 71 16.39 -6.59 0.15
N LYS A 72 15.54 -6.68 -0.88
CA LYS A 72 14.17 -6.22 -0.78
C LYS A 72 13.44 -6.96 0.34
N ALA A 73 13.64 -8.27 0.40
CA ALA A 73 12.99 -9.09 1.45
C ALA A 73 13.35 -8.60 2.85
N LEU A 74 14.62 -8.31 3.05
CA LEU A 74 15.08 -7.85 4.36
C LEU A 74 14.49 -6.49 4.73
N ILE A 75 14.56 -5.50 3.82
CA ILE A 75 14.02 -4.16 4.12
C ILE A 75 12.50 -4.25 4.28
N SER A 76 11.88 -5.13 3.51
CA SER A 76 10.45 -5.31 3.57
C SER A 76 10.03 -5.92 4.92
N LYS A 77 10.74 -6.94 5.37
CA LYS A 77 10.53 -7.47 6.73
C LYS A 77 10.70 -6.40 7.82
N SER A 78 11.74 -5.56 7.71
CA SER A 78 11.99 -4.51 8.70
C SER A 78 10.90 -3.44 8.70
N LEU A 79 10.49 -3.01 7.50
CA LEU A 79 9.46 -1.99 7.42
C LEU A 79 8.17 -2.51 8.01
N SER A 80 7.87 -3.80 7.76
CA SER A 80 6.64 -4.39 8.26
C SER A 80 6.66 -4.50 9.79
N GLU A 81 7.82 -4.82 10.36
CA GLU A 81 7.92 -4.88 11.82
C GLU A 81 7.92 -3.50 12.47
N LEU A 82 8.44 -2.50 11.77
CA LEU A 82 8.41 -1.13 12.28
C LEU A 82 6.98 -0.56 12.23
N ALA A 83 6.25 -0.91 11.17
CA ALA A 83 4.86 -0.49 11.04
C ALA A 83 3.98 -1.19 12.10
N ASN A 84 4.24 -2.47 12.39
CA ASN A 84 3.51 -3.14 13.47
C ASN A 84 3.90 -2.67 14.87
N LYS A 85 5.04 -2.01 15.00
CA LYS A 85 5.38 -1.36 16.26
C LYS A 85 4.71 0.01 16.34
N GLY A 86 4.14 0.45 15.22
CA GLY A 86 3.58 1.80 15.13
C GLY A 86 4.58 2.93 14.97
N LEU A 87 5.84 2.60 14.74
CA LEU A 87 6.88 3.62 14.61
C LEU A 87 6.86 4.26 13.22
N ILE A 88 6.37 3.52 12.22
CA ILE A 88 6.14 4.08 10.89
C ILE A 88 4.73 3.74 10.43
N GLU A 89 4.32 4.35 9.33
CA GLU A 89 3.02 4.08 8.73
C GLU A 89 3.21 3.33 7.40
N ARG A 90 2.29 2.40 7.14
CA ARG A 90 2.27 1.70 5.86
C ARG A 90 1.00 2.04 5.10
N GLU A 91 1.09 2.05 3.78
CA GLU A 91 -0.07 2.31 2.93
C GLU A 91 -0.05 1.35 1.74
N LYS A 92 -1.09 0.53 1.64
CA LYS A 92 -1.23 -0.36 0.50
C LYS A 92 -1.67 0.47 -0.70
N VAL A 93 -0.88 0.49 -1.77
CA VAL A 93 -1.24 1.28 -2.95
C VAL A 93 -1.63 0.40 -4.13
N SER A 94 -1.25 -0.89 -4.09
CA SER A 94 -1.63 -1.79 -5.16
C SER A 94 -1.70 -3.24 -4.69
N ASN A 95 -2.56 -4.03 -5.32
CA ASN A 95 -2.61 -5.47 -5.11
C ASN A 95 -2.03 -6.19 -6.32
N GLU A 96 -1.34 -5.46 -7.18
CA GLU A 96 -0.93 -6.02 -8.46
C GLU A 96 0.57 -6.15 -8.62
N GLY A 97 1.28 -6.51 -7.54
CA GLY A 97 2.68 -6.87 -7.64
C GLY A 97 2.76 -8.25 -8.27
N ARG A 98 3.97 -8.67 -8.65
CA ARG A 98 4.17 -10.07 -9.08
C ARG A 98 3.45 -11.07 -8.16
N LYS A 99 2.63 -11.92 -8.77
CA LYS A 99 1.89 -13.00 -8.08
C LYS A 99 0.80 -12.43 -7.15
N GLY A 100 0.38 -11.19 -7.41
CA GLY A 100 -0.69 -10.57 -6.65
C GLY A 100 -0.27 -10.10 -5.27
N ARG A 101 1.04 -10.00 -5.03
CA ARG A 101 1.56 -9.48 -3.78
C ARG A 101 1.26 -7.98 -3.66
N PRO A 102 0.78 -7.55 -2.50
CA PRO A 102 0.51 -6.13 -2.27
C PRO A 102 1.78 -5.29 -2.39
N ILE A 103 1.63 -4.04 -2.79
CA ILE A 103 2.70 -3.08 -2.84
C ILE A 103 2.40 -1.99 -1.82
N TYR A 104 3.38 -1.64 -1.01
CA TYR A 104 3.19 -0.64 0.00
C TYR A 104 4.14 0.49 -0.09
N VAL A 105 3.77 1.58 0.55
CA VAL A 105 4.60 2.74 0.67
C VAL A 105 4.64 2.96 2.14
N TYR A 106 5.69 3.58 2.58
CA TYR A 106 5.93 3.77 3.99
C TYR A 106 6.27 5.22 4.25
N TYR A 107 5.90 5.69 5.42
CA TYR A 107 6.19 7.05 5.83
C TYR A 107 6.12 7.19 7.33
N VAL A 108 6.49 8.37 7.82
CA VAL A 108 6.32 8.68 9.22
C VAL A 108 5.39 9.88 9.37
N ASP A 109 4.27 9.63 10.05
CA ASP A 109 3.38 10.65 10.61
C ASP A 109 4.05 11.34 11.82
N ARG A 110 4.54 12.56 11.63
CA ARG A 110 5.39 13.21 12.63
C ARG A 110 4.66 13.49 13.96
N GLU A 111 3.39 13.91 13.91
CA GLU A 111 2.65 14.14 15.16
C GLU A 111 2.43 12.81 15.90
N GLN A 112 2.05 11.77 15.15
CA GLN A 112 1.75 10.49 15.78
C GLN A 112 3.03 9.89 16.38
N LEU A 113 4.16 10.01 15.69
CA LEU A 113 5.41 9.50 16.24
C LEU A 113 5.79 10.24 17.54
N PHE A 114 5.68 11.56 17.52
CA PHE A 114 5.92 12.32 18.74
C PHE A 114 5.01 11.85 19.88
N LYS A 115 3.71 11.78 19.60
CA LYS A 115 2.74 11.37 20.62
C LYS A 115 3.03 9.95 21.11
N ARG A 116 3.37 9.04 20.20
CA ARG A 116 3.64 7.66 20.60
C ARG A 116 4.86 7.55 21.53
N ILE A 117 5.97 8.15 21.13
CA ILE A 117 7.19 8.01 21.90
C ILE A 117 7.02 8.68 23.26
N SER A 118 6.39 9.87 23.25
CA SER A 118 6.05 10.62 24.46
C SER A 118 5.20 9.82 25.43
N ARG A 119 4.12 9.23 24.94
CA ARG A 119 3.25 8.39 25.76
C ARG A 119 4.02 7.15 26.25
N ASP A 120 4.80 6.52 25.36
CA ASP A 120 5.49 5.29 25.74
C ASP A 120 6.52 5.59 26.81
N LEU A 121 7.12 6.78 26.73
CA LEU A 121 8.11 7.20 27.70
C LEU A 121 7.47 7.41 29.05
N GLU A 122 6.34 8.12 29.05
CA GLU A 122 5.60 8.34 30.28
C GLU A 122 5.12 7.03 30.91
N GLU A 123 4.65 6.06 30.10
CA GLU A 123 4.17 4.79 30.65
C GLU A 123 5.33 3.94 31.19
N LEU A 124 6.47 3.97 30.50
CA LEU A 124 7.64 3.23 30.93
C LEU A 124 8.10 3.73 32.31
N VAL A 125 8.03 5.04 32.51
CA VAL A 125 8.46 5.63 33.76
C VAL A 125 7.49 5.35 34.91
N GLN A 126 6.19 5.43 34.64
CA GLN A 126 5.22 5.14 35.69
C GLN A 126 5.27 3.66 36.08
N ALA A 127 5.36 2.78 35.09
CA ALA A 127 5.43 1.35 35.32
C ALA A 127 6.68 1.00 36.13
N SER A 128 7.80 1.65 35.78
CA SER A 128 9.07 1.45 36.48
C SER A 128 9.00 1.92 37.94
N ILE A 129 8.42 3.10 38.16
CA ILE A 129 8.31 3.65 39.50
C ILE A 129 7.36 2.83 40.37
N ALA A 130 6.26 2.35 39.79
CA ALA A 130 5.37 1.45 40.50
C ALA A 130 6.07 0.16 40.90
N LYS A 131 6.79 -0.43 39.95
CA LYS A 131 7.45 -1.72 40.15
C LYS A 131 8.50 -1.65 41.27
N LEU A 132 9.36 -0.64 41.26
CA LEU A 132 10.34 -0.54 42.31
C LEU A 132 9.80 0.15 43.58
N LYS A 133 8.56 0.60 43.56
CA LYS A 133 7.92 1.07 44.80
C LYS A 133 7.53 -0.16 45.61
N GLU A 134 7.07 -1.19 44.92
CA GLU A 134 6.69 -2.41 45.61
C GLU A 134 7.93 -3.23 45.98
N TYR A 135 9.04 -3.03 45.27
CA TYR A 135 10.24 -3.80 45.59
C TYR A 135 11.02 -3.19 46.75
N ILE A 136 11.08 -1.86 46.82
CA ILE A 136 11.79 -1.18 47.88
C ILE A 136 11.01 -1.25 49.20
N PHE A 137 9.67 -1.34 49.11
CA PHE A 137 8.82 -1.18 50.29
C PHE A 137 7.93 -2.38 50.64
N LYS A 138 7.34 -3.02 49.65
CA LYS A 138 6.37 -4.08 49.91
C LYS A 138 7.05 -5.44 50.14
N LYS B 27 17.78 -14.02 33.89
CA LYS B 27 17.40 -12.88 33.07
C LYS B 27 17.46 -11.57 33.88
N LYS B 28 17.51 -10.44 33.18
CA LYS B 28 17.48 -9.13 33.84
C LYS B 28 16.10 -8.48 33.74
N THR B 29 15.67 -7.88 34.84
CA THR B 29 14.38 -7.19 34.90
C THR B 29 14.39 -5.92 34.04
N GLN B 30 13.20 -5.38 33.77
CA GLN B 30 13.05 -4.10 33.11
C GLN B 30 13.68 -2.97 33.91
N ILE B 31 13.64 -3.12 35.23
CA ILE B 31 14.15 -2.08 36.13
C ILE B 31 15.67 -2.03 36.08
N GLU B 32 16.30 -3.20 36.04
CA GLU B 32 17.74 -3.28 35.91
C GLU B 32 18.19 -2.62 34.62
N LYS B 33 17.59 -3.01 33.51
CA LYS B 33 17.90 -2.41 32.22
C LYS B 33 17.73 -0.89 32.21
N LEU B 34 16.73 -0.38 32.92
CA LEU B 34 16.49 1.06 32.96
C LEU B 34 17.55 1.83 33.76
N LEU B 35 17.94 1.30 34.93
CA LEU B 35 19.00 1.90 35.74
C LEU B 35 20.32 1.95 34.97
N GLU B 36 20.60 0.87 34.24
CA GLU B 36 21.80 0.80 33.44
C GLU B 36 21.85 1.93 32.44
N PHE B 37 20.73 2.17 31.74
CA PHE B 37 20.63 3.23 30.73
C PHE B 37 20.69 4.63 31.30
N MSE B 38 19.76 4.94 32.19
CA MSE B 38 19.68 6.22 32.88
C MSE B 38 21.03 6.72 33.42
O MSE B 38 21.42 7.86 33.23
CB MSE B 38 18.69 6.12 34.03
CG MSE B 38 17.71 7.25 34.20
SE MSE B 38 16.83 7.03 35.92
CE MSE B 38 16.43 5.15 35.78
N TYR B 39 21.74 5.82 34.09
CA TYR B 39 22.88 6.22 34.89
C TYR B 39 24.20 5.76 34.33
N GLY B 40 24.17 5.03 33.22
CA GLY B 40 25.39 4.48 32.63
C GLY B 40 26.17 3.58 33.58
N LEU B 41 25.50 2.57 34.13
CA LEU B 41 26.12 1.63 35.06
C LEU B 41 26.15 0.23 34.45
N ASN B 42 27.17 -0.56 34.76
CA ASN B 42 27.17 -1.96 34.31
C ASN B 42 26.24 -2.77 35.19
N GLU B 43 25.94 -3.98 34.77
CA GLU B 43 25.00 -4.79 35.49
C GLU B 43 25.42 -5.06 36.91
N LYS B 44 26.70 -5.27 37.16
CA LYS B 44 27.15 -5.50 38.53
C LYS B 44 26.93 -4.28 39.41
N GLU B 45 27.18 -3.11 38.88
CA GLU B 45 26.99 -1.91 39.66
C GLU B 45 25.55 -1.87 40.02
N VAL B 46 24.70 -2.23 39.08
CA VAL B 46 23.28 -2.24 39.35
C VAL B 46 22.98 -3.29 40.41
N GLN B 47 23.66 -4.41 40.33
CA GLN B 47 23.48 -5.46 41.31
C GLN B 47 23.93 -5.02 42.68
N LEU B 48 24.98 -4.23 42.70
CA LEU B 48 25.53 -3.76 43.94
C LEU B 48 24.50 -2.97 44.71
N ILE B 49 23.69 -2.19 44.02
CA ILE B 49 22.63 -1.41 44.66
C ILE B 49 21.65 -2.30 45.40
N PHE B 50 21.30 -3.42 44.78
CA PHE B 50 20.34 -4.33 45.36
C PHE B 50 20.98 -5.21 46.43
N ARG B 51 22.29 -5.46 46.31
CA ARG B 51 23.01 -6.16 47.36
C ARG B 51 22.96 -5.35 48.66
N LEU B 52 23.08 -4.03 48.55
CA LEU B 52 23.08 -3.18 49.72
C LEU B 52 21.67 -2.95 50.26
N LEU B 53 20.68 -2.96 49.35
CA LEU B 53 19.28 -2.76 49.72
C LEU B 53 18.76 -3.93 50.56
N TYR B 54 19.38 -5.08 50.40
CA TYR B 54 18.94 -6.29 51.10
C TYR B 54 20.02 -6.79 52.04
N SER B 55 20.84 -5.84 52.48
CA SER B 55 21.80 -6.06 53.53
C SER B 55 21.18 -5.60 54.84
N ASP B 56 21.35 -6.38 55.89
CA ASP B 56 20.86 -5.99 57.21
C ASP B 56 21.80 -4.97 57.86
N THR B 57 23.08 -5.07 57.53
CA THR B 57 24.07 -4.16 58.11
C THR B 57 24.70 -3.26 57.07
N LYS B 58 25.29 -2.17 57.55
CA LYS B 58 26.11 -1.31 56.71
C LYS B 58 27.46 -1.99 56.40
N LEU B 59 28.03 -1.69 55.24
CA LEU B 59 29.19 -2.44 54.75
C LEU B 59 30.35 -1.54 54.41
N ASN B 60 31.57 -1.99 54.69
CA ASN B 60 32.75 -1.21 54.30
C ASN B 60 33.38 -1.75 53.02
N ILE B 61 34.45 -1.11 52.57
CA ILE B 61 35.09 -1.47 51.31
C ILE B 61 35.60 -2.90 51.39
N GLU B 62 36.26 -3.25 52.49
CA GLU B 62 36.96 -4.53 52.53
C GLU B 62 35.97 -5.72 52.57
N GLU B 63 34.84 -5.56 53.25
CA GLU B 63 33.78 -6.56 53.20
C GLU B 63 33.25 -6.75 51.77
N LEU B 64 33.11 -5.66 51.03
CA LEU B 64 32.55 -5.76 49.68
C LEU B 64 33.55 -6.36 48.71
N ALA B 65 34.81 -5.96 48.84
CA ALA B 65 35.88 -6.48 48.00
C ALA B 65 36.07 -7.99 48.17
N GLU B 66 35.86 -8.49 49.38
CA GLU B 66 36.01 -9.91 49.66
C GLU B 66 34.79 -10.70 49.18
N GLU B 67 33.60 -10.12 49.33
CA GLU B 67 32.39 -10.79 48.87
C GLU B 67 32.37 -10.93 47.36
N PHE B 68 32.58 -9.81 46.66
CA PHE B 68 32.52 -9.74 45.20
C PHE B 68 33.79 -10.31 44.54
N LYS B 69 34.76 -10.71 45.36
CA LYS B 69 36.04 -11.26 44.89
C LYS B 69 36.83 -10.32 43.97
N VAL B 70 36.95 -9.05 44.35
CA VAL B 70 37.62 -8.04 43.53
C VAL B 70 38.58 -7.17 44.34
N SER B 71 39.31 -6.30 43.65
CA SER B 71 40.22 -5.36 44.33
C SER B 71 39.45 -4.25 45.04
N LYS B 72 40.08 -3.66 46.05
CA LYS B 72 39.47 -2.51 46.70
C LYS B 72 39.34 -1.31 45.74
N ALA B 73 40.27 -1.15 44.80
CA ALA B 73 40.21 -0.07 43.81
C ALA B 73 38.98 -0.19 42.92
N LEU B 74 38.68 -1.40 42.47
CA LEU B 74 37.53 -1.62 41.62
C LEU B 74 36.20 -1.33 42.33
N ILE B 75 36.03 -1.87 43.53
CA ILE B 75 34.76 -1.76 44.21
C ILE B 75 34.62 -0.30 44.69
N SER B 76 35.74 0.34 44.99
CA SER B 76 35.73 1.76 45.37
C SER B 76 35.24 2.65 44.24
N LYS B 77 35.70 2.37 43.03
CA LYS B 77 35.22 3.11 41.86
C LYS B 77 33.69 3.01 41.71
N SER B 78 33.15 1.80 41.84
CA SER B 78 31.71 1.57 41.67
C SER B 78 30.86 2.24 42.74
N LEU B 79 31.27 2.10 44.00
CA LEU B 79 30.60 2.68 45.15
C LEU B 79 30.62 4.21 45.05
N SER B 80 31.79 4.73 44.69
CA SER B 80 31.94 6.14 44.46
C SER B 80 30.95 6.64 43.39
N GLU B 81 30.82 5.91 42.29
CA GLU B 81 29.91 6.32 41.25
C GLU B 81 28.47 6.21 41.73
N LEU B 82 28.18 5.21 42.57
CA LEU B 82 26.82 5.05 43.06
C LEU B 82 26.50 6.15 44.07
N ALA B 83 27.48 6.50 44.90
CA ALA B 83 27.29 7.50 45.93
C ALA B 83 27.19 8.93 45.36
N ASN B 84 28.07 9.31 44.42
CA ASN B 84 27.93 10.61 43.73
C ASN B 84 26.55 10.80 43.09
N LYS B 85 25.99 9.74 42.54
CA LYS B 85 24.67 9.83 41.91
C LYS B 85 23.52 9.84 42.93
N GLY B 86 23.85 9.70 44.22
CA GLY B 86 22.86 9.71 45.29
C GLY B 86 22.06 8.42 45.44
N LEU B 87 22.50 7.34 44.79
CA LEU B 87 21.76 6.08 44.83
C LEU B 87 22.06 5.26 46.08
N ILE B 88 23.23 5.46 46.67
CA ILE B 88 23.55 4.84 47.96
C ILE B 88 24.11 5.87 48.91
N GLU B 89 24.06 5.53 50.17
CA GLU B 89 24.57 6.37 51.24
C GLU B 89 26.01 6.00 51.60
N ARG B 90 26.86 7.00 51.73
CA ARG B 90 28.23 6.81 52.15
C ARG B 90 28.47 7.61 53.42
N GLU B 91 28.76 6.92 54.51
CA GLU B 91 28.80 7.53 55.83
C GLU B 91 30.08 7.22 56.56
N LYS B 92 30.66 8.25 57.18
CA LYS B 92 31.89 8.12 57.94
C LYS B 92 31.63 7.53 59.32
N VAL B 93 32.36 6.49 59.71
CA VAL B 93 32.17 5.86 61.03
C VAL B 93 33.40 5.97 61.91
N SER B 94 34.48 6.52 61.37
CA SER B 94 35.73 6.72 62.09
C SER B 94 36.60 7.77 61.38
N ASN B 95 37.31 8.56 62.15
CA ASN B 95 38.22 9.50 61.58
C ASN B 95 39.57 8.91 61.29
N GLU B 96 40.00 7.94 62.08
CA GLU B 96 41.28 7.27 61.92
C GLU B 96 40.86 5.81 61.95
N GLY B 97 41.46 5.01 61.07
CA GLY B 97 41.19 3.60 60.91
C GLY B 97 42.57 2.96 61.02
N ARG B 98 42.69 1.66 60.93
CA ARG B 98 44.04 1.10 61.12
C ARG B 98 45.13 1.83 60.32
N LYS B 99 44.77 2.43 59.19
CA LYS B 99 45.76 3.05 58.33
C LYS B 99 45.83 4.59 58.49
N GLY B 100 45.07 5.13 59.43
CA GLY B 100 45.08 6.57 59.68
C GLY B 100 44.23 7.38 58.70
N ARG B 101 43.36 6.69 57.98
CA ARG B 101 42.44 7.31 57.05
C ARG B 101 41.05 7.12 57.60
N PRO B 102 40.14 8.07 57.29
CA PRO B 102 38.72 7.89 57.63
C PRO B 102 38.15 6.59 57.05
N ILE B 103 37.17 6.02 57.73
CA ILE B 103 36.56 4.76 57.32
C ILE B 103 35.09 5.00 57.00
N TYR B 104 34.62 4.49 55.85
CA TYR B 104 33.24 4.73 55.42
C TYR B 104 32.43 3.44 55.30
N VAL B 105 31.15 3.49 55.66
CA VAL B 105 30.24 2.39 55.37
C VAL B 105 29.21 2.81 54.34
N TYR B 106 28.65 1.82 53.67
CA TYR B 106 27.79 2.03 52.53
C TYR B 106 26.49 1.28 52.79
N TYR B 107 25.39 1.94 52.52
CA TYR B 107 24.10 1.30 52.66
C TYR B 107 23.10 1.99 51.77
N VAL B 108 21.93 1.40 51.70
CA VAL B 108 20.86 2.01 50.95
C VAL B 108 19.82 2.52 51.93
N ASP B 109 19.48 3.81 51.80
CA ASP B 109 18.29 4.36 52.42
C ASP B 109 17.12 4.20 51.45
N ARG B 110 16.11 3.46 51.88
CA ARG B 110 15.00 3.09 51.00
C ARG B 110 14.19 4.28 50.48
N GLU B 111 13.87 5.25 51.33
CA GLU B 111 13.13 6.41 50.86
C GLU B 111 14.00 7.26 49.94
N GLN B 112 15.24 7.49 50.35
CA GLN B 112 16.14 8.31 49.55
C GLN B 112 16.32 7.69 48.17
N LEU B 113 16.51 6.37 48.14
CA LEU B 113 16.74 5.67 46.89
C LEU B 113 15.56 5.87 45.94
N PHE B 114 14.36 5.67 46.46
CA PHE B 114 13.15 5.79 45.68
C PHE B 114 12.94 7.23 45.23
N LYS B 115 13.18 8.20 46.12
CA LYS B 115 13.08 9.61 45.73
C LYS B 115 14.11 9.99 44.64
N ARG B 116 15.33 9.53 44.76
CA ARG B 116 16.33 9.87 43.78
C ARG B 116 15.99 9.36 42.40
N ILE B 117 15.59 8.11 42.30
CA ILE B 117 15.25 7.54 41.02
C ILE B 117 14.04 8.21 40.39
N SER B 118 13.02 8.48 41.19
CA SER B 118 11.85 9.12 40.66
C SER B 118 12.17 10.47 40.12
N ARG B 119 12.94 11.24 40.84
CA ARG B 119 13.28 12.55 40.38
C ARG B 119 14.12 12.48 39.15
N ASP B 120 15.05 11.55 39.11
CA ASP B 120 15.90 11.42 37.95
C ASP B 120 15.11 11.03 36.73
N LEU B 121 14.14 10.17 36.95
CA LEU B 121 13.30 9.65 35.86
C LEU B 121 12.41 10.74 35.27
N GLU B 122 11.90 11.63 36.12
CA GLU B 122 11.09 12.71 35.60
C GLU B 122 11.95 13.68 34.80
N GLU B 123 13.17 13.94 35.27
CA GLU B 123 14.06 14.84 34.54
C GLU B 123 14.54 14.24 33.21
N LEU B 124 14.62 12.91 33.14
CA LEU B 124 15.04 12.25 31.93
C LEU B 124 13.93 12.30 30.86
N VAL B 125 12.70 12.05 31.29
CA VAL B 125 11.53 12.14 30.43
C VAL B 125 11.33 13.52 29.84
N GLN B 126 11.50 14.55 30.66
CA GLN B 126 11.31 15.91 30.17
C GLN B 126 12.44 16.34 29.24
N ALA B 127 13.67 15.96 29.55
CA ALA B 127 14.78 16.31 28.69
C ALA B 127 14.70 15.57 27.35
N SER B 128 14.04 14.42 27.34
CA SER B 128 13.95 13.59 26.15
C SER B 128 12.92 14.13 25.19
N ILE B 129 11.71 14.31 25.70
CA ILE B 129 10.60 14.88 24.97
C ILE B 129 10.99 16.21 24.33
N ALA B 130 11.64 17.07 25.09
CA ALA B 130 12.15 18.33 24.55
C ALA B 130 13.07 18.11 23.35
N LYS B 131 14.03 17.20 23.49
CA LYS B 131 14.98 16.89 22.40
C LYS B 131 14.27 16.22 21.20
N LEU B 132 13.33 15.33 21.49
CA LEU B 132 12.52 14.69 20.47
C LEU B 132 11.75 15.69 19.64
N LYS B 133 11.15 16.65 20.32
CA LYS B 133 10.42 17.74 19.70
C LYS B 133 11.29 18.42 18.63
N GLU B 134 12.51 18.75 19.01
CA GLU B 134 13.46 19.40 18.09
C GLU B 134 13.84 18.49 16.91
N TYR B 135 14.04 17.20 17.15
CA TYR B 135 14.33 16.26 16.05
C TYR B 135 13.15 16.14 15.08
N ILE B 136 11.95 15.94 15.62
CA ILE B 136 10.79 15.58 14.82
C ILE B 136 10.16 16.79 14.13
N PHE B 137 10.33 17.99 14.68
CA PHE B 137 9.62 19.15 14.12
C PHE B 137 10.50 20.29 13.64
N LYS B 138 11.73 20.38 14.13
CA LYS B 138 12.56 21.55 13.81
C LYS B 138 13.82 21.16 13.03
N SER B 139 13.88 19.91 12.60
CA SER B 139 15.04 19.42 11.85
C SER B 139 14.73 19.18 10.37
N LYS C 28 13.21 -34.22 -4.11
CA LYS C 28 11.97 -34.76 -4.64
C LYS C 28 11.38 -33.78 -5.66
N THR C 29 11.50 -34.12 -6.95
CA THR C 29 11.18 -33.19 -8.03
C THR C 29 9.71 -32.78 -8.06
N GLN C 30 9.42 -31.63 -8.64
CA GLN C 30 8.05 -31.12 -8.68
C GLN C 30 7.19 -31.88 -9.70
N ILE C 31 7.83 -32.57 -10.64
CA ILE C 31 7.11 -33.43 -11.57
C ILE C 31 6.61 -34.69 -10.85
N GLU C 32 7.38 -35.15 -9.86
CA GLU C 32 6.95 -36.26 -9.05
C GLU C 32 5.84 -35.80 -8.09
N LYS C 33 5.92 -34.56 -7.62
CA LYS C 33 4.88 -34.02 -6.74
C LYS C 33 3.60 -33.67 -7.51
N LEU C 34 3.75 -33.15 -8.74
CA LEU C 34 2.60 -32.93 -9.60
C LEU C 34 1.82 -34.24 -9.82
N LEU C 35 2.52 -35.28 -10.29
CA LEU C 35 1.89 -36.58 -10.53
C LEU C 35 1.31 -37.20 -9.27
N GLU C 36 2.00 -37.02 -8.14
CA GLU C 36 1.48 -37.40 -6.84
C GLU C 36 0.15 -36.68 -6.57
N PHE C 37 0.19 -35.34 -6.62
CA PHE C 37 -0.98 -34.51 -6.38
C PHE C 37 -2.18 -34.84 -7.29
N MSE C 38 -1.92 -35.19 -8.54
CA MSE C 38 -3.02 -35.40 -9.47
C MSE C 38 -3.55 -36.82 -9.44
O MSE C 38 -4.76 -37.03 -9.32
CB MSE C 38 -2.58 -35.09 -10.89
CG MSE C 38 -2.17 -33.65 -11.12
SE MSE C 38 -1.66 -33.46 -12.98
CE MSE C 38 -3.40 -33.93 -13.71
N TYR C 39 -2.65 -37.78 -9.55
CA TYR C 39 -3.03 -39.18 -9.77
C TYR C 39 -2.75 -40.06 -8.58
N GLY C 40 -2.11 -39.52 -7.55
CA GLY C 40 -1.76 -40.28 -6.36
C GLY C 40 -0.81 -41.44 -6.63
N LEU C 41 0.25 -41.18 -7.38
CA LEU C 41 1.15 -42.26 -7.71
C LEU C 41 2.06 -42.61 -6.56
N ASN C 42 1.96 -43.87 -6.15
CA ASN C 42 2.76 -44.38 -5.06
C ASN C 42 4.13 -44.48 -5.61
N GLU C 43 5.13 -44.53 -4.75
CA GLU C 43 6.44 -44.64 -5.30
C GLU C 43 6.40 -45.96 -6.01
N LYS C 44 7.07 -45.95 -7.15
CA LYS C 44 7.13 -47.10 -8.00
C LYS C 44 6.51 -46.69 -9.31
N GLU C 45 5.38 -46.02 -9.25
CA GLU C 45 4.66 -45.60 -10.43
C GLU C 45 5.36 -44.50 -11.18
N VAL C 46 5.92 -43.55 -10.46
CA VAL C 46 6.64 -42.47 -11.11
C VAL C 46 7.91 -42.89 -11.80
N GLN C 47 8.65 -43.78 -11.18
CA GLN C 47 9.91 -44.24 -11.74
C GLN C 47 9.58 -44.96 -13.01
N LEU C 48 8.55 -45.74 -12.92
CA LEU C 48 8.02 -46.49 -14.05
C LEU C 48 7.67 -45.57 -15.23
N ILE C 49 6.90 -44.50 -14.98
CA ILE C 49 6.59 -43.51 -16.02
C ILE C 49 7.85 -42.99 -16.69
N PHE C 50 8.78 -42.52 -15.88
CA PHE C 50 10.00 -41.93 -16.40
C PHE C 50 10.87 -42.96 -17.10
N ARG C 51 10.82 -44.21 -16.64
CA ARG C 51 11.52 -45.29 -17.33
C ARG C 51 10.97 -45.46 -18.74
N LEU C 52 9.65 -45.41 -18.89
CA LEU C 52 9.04 -45.56 -20.20
C LEU C 52 9.22 -44.29 -21.01
N LEU C 53 9.27 -43.16 -20.31
CA LEU C 53 9.42 -41.87 -20.99
C LEU C 53 10.80 -41.75 -21.65
N TYR C 54 11.84 -42.15 -20.92
CA TYR C 54 13.21 -42.04 -21.40
C TYR C 54 13.63 -43.22 -22.26
N SER C 55 12.78 -44.22 -22.33
CA SER C 55 13.04 -45.37 -23.18
C SER C 55 12.74 -45.07 -24.64
N ASP C 56 13.51 -45.68 -25.54
CA ASP C 56 13.20 -45.56 -26.97
C ASP C 56 12.88 -46.91 -27.59
N THR C 57 12.56 -47.89 -26.74
CA THR C 57 11.94 -49.13 -27.19
C THR C 57 10.77 -49.49 -26.27
N LYS C 58 9.74 -50.13 -26.82
CA LYS C 58 8.63 -50.59 -26.01
C LYS C 58 9.08 -51.75 -25.12
N LEU C 59 8.55 -51.81 -23.90
CA LEU C 59 9.04 -52.77 -22.92
C LEU C 59 7.97 -53.77 -22.48
N ASN C 60 8.38 -55.01 -22.23
CA ASN C 60 7.47 -56.00 -21.66
C ASN C 60 7.63 -56.07 -20.14
N ILE C 61 6.67 -56.74 -19.49
CA ILE C 61 6.61 -56.79 -18.03
C ILE C 61 7.81 -57.51 -17.44
N GLU C 62 8.33 -58.50 -18.18
CA GLU C 62 9.46 -59.27 -17.69
C GLU C 62 10.76 -58.45 -17.64
N GLU C 63 11.07 -57.69 -18.69
CA GLU C 63 12.22 -56.77 -18.64
C GLU C 63 12.10 -55.82 -17.44
N LEU C 64 10.95 -55.16 -17.34
CA LEU C 64 10.66 -54.18 -16.29
C LEU C 64 10.77 -54.75 -14.88
N ALA C 65 10.25 -55.96 -14.68
CA ALA C 65 10.30 -56.62 -13.37
C ALA C 65 11.74 -56.93 -13.00
N GLU C 66 12.53 -57.31 -14.00
CA GLU C 66 13.93 -57.65 -13.78
C GLU C 66 14.77 -56.42 -13.40
N GLU C 67 14.58 -55.30 -14.10
CA GLU C 67 15.38 -54.12 -13.76
C GLU C 67 14.83 -53.36 -12.54
N PHE C 68 13.55 -53.49 -12.25
CA PHE C 68 13.03 -52.88 -11.01
C PHE C 68 13.20 -53.81 -9.80
N LYS C 69 13.78 -54.99 -10.04
CA LYS C 69 13.94 -56.03 -9.02
C LYS C 69 12.69 -56.21 -8.15
N VAL C 70 11.57 -56.49 -8.81
CA VAL C 70 10.27 -56.63 -8.17
C VAL C 70 9.44 -57.68 -8.94
N SER C 71 8.40 -58.24 -8.33
CA SER C 71 7.64 -59.31 -9.01
C SER C 71 6.91 -58.80 -10.26
N LYS C 72 6.79 -59.68 -11.27
CA LYS C 72 5.98 -59.41 -12.47
C LYS C 72 4.53 -59.08 -12.11
N ALA C 73 4.02 -59.69 -11.05
CA ALA C 73 2.67 -59.44 -10.58
C ALA C 73 2.52 -57.98 -10.14
N LEU C 74 3.51 -57.48 -9.40
CA LEU C 74 3.44 -56.10 -8.93
C LEU C 74 3.62 -55.10 -10.06
N ILE C 75 4.61 -55.34 -10.92
CA ILE C 75 4.83 -54.53 -12.11
C ILE C 75 3.54 -54.42 -12.93
N SER C 76 2.88 -55.56 -13.14
CA SER C 76 1.69 -55.64 -13.99
C SER C 76 0.57 -54.78 -13.41
N LYS C 77 0.49 -54.77 -12.09
CA LYS C 77 -0.59 -54.06 -11.43
C LYS C 77 -0.34 -52.56 -11.53
N SER C 78 0.93 -52.18 -11.39
CA SER C 78 1.33 -50.79 -11.51
C SER C 78 1.09 -50.27 -12.93
N LEU C 79 1.51 -51.05 -13.92
CA LEU C 79 1.39 -50.65 -15.32
C LEU C 79 -0.08 -50.49 -15.72
N SER C 80 -0.94 -51.37 -15.20
CA SER C 80 -2.35 -51.26 -15.49
C SER C 80 -2.94 -50.01 -14.88
N GLU C 81 -2.51 -49.69 -13.65
CA GLU C 81 -2.94 -48.47 -12.99
C GLU C 81 -2.57 -47.24 -13.84
N LEU C 82 -1.34 -47.23 -14.33
CA LEU C 82 -0.86 -46.16 -15.18
C LEU C 82 -1.57 -46.15 -16.54
N ALA C 83 -1.87 -47.32 -17.09
CA ALA C 83 -2.55 -47.39 -18.39
C ALA C 83 -4.00 -46.95 -18.25
N ASN C 84 -4.66 -47.39 -17.17
CA ASN C 84 -6.06 -47.04 -16.92
C ASN C 84 -6.27 -45.54 -16.68
N LYS C 85 -5.22 -44.83 -16.27
CA LYS C 85 -5.32 -43.39 -16.12
C LYS C 85 -4.90 -42.68 -17.41
N GLY C 86 -4.62 -43.47 -18.43
CA GLY C 86 -4.25 -42.97 -19.75
C GLY C 86 -2.91 -42.29 -19.77
N LEU C 87 -2.03 -42.70 -18.88
CA LEU C 87 -0.71 -42.07 -18.76
C LEU C 87 0.31 -42.80 -19.62
N ILE C 88 0.08 -44.10 -19.85
CA ILE C 88 0.96 -44.91 -20.69
C ILE C 88 0.14 -45.81 -21.63
N GLU C 89 0.78 -46.35 -22.65
CA GLU C 89 0.11 -47.24 -23.58
C GLU C 89 0.43 -48.70 -23.27
N ARG C 90 -0.61 -49.50 -23.16
CA ARG C 90 -0.49 -50.94 -23.09
C ARG C 90 -0.95 -51.54 -24.43
N GLU C 91 -0.01 -52.07 -25.19
CA GLU C 91 -0.32 -52.59 -26.52
C GLU C 91 -0.19 -54.13 -26.60
N LYS C 92 -1.28 -54.78 -27.00
CA LYS C 92 -1.25 -56.18 -27.39
C LYS C 92 -0.39 -56.32 -28.64
N VAL C 93 0.73 -57.01 -28.53
CA VAL C 93 1.63 -57.20 -29.67
C VAL C 93 1.21 -58.43 -30.48
N SER C 94 0.96 -59.53 -29.81
CA SER C 94 0.64 -60.73 -30.51
C SER C 94 -0.28 -61.55 -29.69
N ASN C 95 -1.11 -62.36 -30.35
CA ASN C 95 -1.99 -63.20 -29.59
C ASN C 95 -1.27 -64.42 -29.08
N GLU C 96 -0.10 -64.71 -29.64
CA GLU C 96 0.68 -65.86 -29.21
C GLU C 96 2.14 -65.60 -29.01
N GLY C 97 2.57 -65.43 -27.77
CA GLY C 97 3.97 -65.22 -27.48
C GLY C 97 4.74 -66.47 -27.12
N ARG C 98 5.95 -66.28 -26.60
CA ARG C 98 6.89 -67.38 -26.34
C ARG C 98 6.34 -68.47 -25.39
N LYS C 99 5.54 -68.04 -24.41
CA LYS C 99 4.94 -68.95 -23.45
C LYS C 99 3.54 -69.44 -23.83
N GLY C 100 3.08 -69.15 -25.05
CA GLY C 100 1.73 -69.49 -25.47
C GLY C 100 0.62 -68.55 -25.01
N ARG C 101 1.01 -67.40 -24.46
CA ARG C 101 0.06 -66.42 -23.95
C ARG C 101 0.22 -65.12 -24.75
N PRO C 102 -0.83 -64.27 -24.76
CA PRO C 102 -0.68 -62.97 -25.42
C PRO C 102 0.46 -62.15 -24.82
N ILE C 103 1.11 -61.35 -25.67
CA ILE C 103 2.19 -60.49 -25.20
C ILE C 103 1.80 -59.01 -25.32
N TYR C 104 2.03 -58.29 -24.23
CA TYR C 104 1.75 -56.87 -24.20
C TYR C 104 3.06 -56.12 -24.01
N VAL C 105 3.20 -54.99 -24.69
CA VAL C 105 4.31 -54.07 -24.40
C VAL C 105 3.81 -52.73 -23.86
N TYR C 106 4.72 -51.97 -23.25
CA TYR C 106 4.34 -50.75 -22.57
C TYR C 106 5.22 -49.61 -23.01
N TYR C 107 4.60 -48.48 -23.32
CA TYR C 107 5.36 -47.30 -23.68
C TYR C 107 4.56 -46.04 -23.38
N VAL C 108 5.23 -44.89 -23.37
CA VAL C 108 4.48 -43.65 -23.35
C VAL C 108 4.46 -43.03 -24.73
N ASP C 109 3.25 -42.68 -25.16
CA ASP C 109 3.02 -41.84 -26.31
C ASP C 109 3.09 -40.39 -25.82
N ARG C 110 4.16 -39.67 -26.17
CA ARG C 110 4.37 -38.34 -25.62
C ARG C 110 3.20 -37.37 -25.84
N GLU C 111 2.57 -37.42 -27.00
CA GLU C 111 1.41 -36.58 -27.27
C GLU C 111 0.24 -36.90 -26.32
N GLN C 112 -0.11 -38.18 -26.25
CA GLN C 112 -1.22 -38.64 -25.42
C GLN C 112 -1.00 -38.26 -23.97
N LEU C 113 0.21 -38.52 -23.48
CA LEU C 113 0.59 -38.22 -22.12
C LEU C 113 0.38 -36.74 -21.83
N PHE C 114 0.88 -35.90 -22.73
CA PHE C 114 0.72 -34.45 -22.56
C PHE C 114 -0.73 -34.00 -22.57
N LYS C 115 -1.53 -34.52 -23.50
CA LYS C 115 -2.95 -34.17 -23.58
C LYS C 115 -3.70 -34.65 -22.34
N ARG C 116 -3.33 -35.82 -21.83
CA ARG C 116 -3.98 -36.35 -20.63
C ARG C 116 -3.69 -35.49 -19.40
N ILE C 117 -2.43 -35.15 -19.18
CA ILE C 117 -2.08 -34.38 -18.00
C ILE C 117 -2.71 -33.00 -18.10
N SER C 118 -2.57 -32.39 -19.27
CA SER C 118 -3.05 -31.02 -19.44
C SER C 118 -4.58 -30.95 -19.35
N ARG C 119 -5.29 -31.94 -19.89
CA ARG C 119 -6.75 -31.96 -19.74
C ARG C 119 -7.19 -32.22 -18.30
N ASP C 120 -6.51 -33.14 -17.62
CA ASP C 120 -6.85 -33.46 -16.24
C ASP C 120 -6.51 -32.28 -15.33
N LEU C 121 -5.36 -31.66 -15.57
CA LEU C 121 -4.97 -30.47 -14.83
C LEU C 121 -5.97 -29.31 -15.04
N GLU C 122 -6.40 -29.04 -16.26
CA GLU C 122 -7.35 -27.96 -16.45
C GLU C 122 -8.68 -28.22 -15.77
N GLU C 123 -9.15 -29.44 -15.93
CA GLU C 123 -10.41 -29.81 -15.37
C GLU C 123 -10.36 -29.69 -13.88
N LEU C 124 -9.22 -30.03 -13.32
CA LEU C 124 -9.08 -29.97 -11.88
C LEU C 124 -9.26 -28.57 -11.35
N VAL C 125 -8.69 -27.59 -12.02
CA VAL C 125 -8.87 -26.22 -11.58
C VAL C 125 -10.29 -25.75 -11.79
N GLN C 126 -10.91 -26.17 -12.88
CA GLN C 126 -12.26 -25.73 -13.13
C GLN C 126 -13.16 -26.14 -11.97
N ALA C 127 -12.97 -27.35 -11.47
CA ALA C 127 -13.68 -27.92 -10.34
C ALA C 127 -13.28 -27.33 -8.99
N SER C 128 -12.01 -26.97 -8.84
CA SER C 128 -11.51 -26.35 -7.62
C SER C 128 -12.10 -24.95 -7.44
N ILE C 129 -11.99 -24.15 -8.50
CA ILE C 129 -12.55 -22.82 -8.55
C ILE C 129 -14.07 -22.84 -8.29
N ALA C 130 -14.79 -23.75 -8.92
CA ALA C 130 -16.23 -23.88 -8.69
C ALA C 130 -16.52 -24.25 -7.24
N LYS C 131 -15.77 -25.20 -6.70
CA LYS C 131 -15.93 -25.59 -5.31
C LYS C 131 -15.58 -24.41 -4.40
N LEU C 132 -14.55 -23.67 -4.76
CA LEU C 132 -14.14 -22.52 -3.96
C LEU C 132 -15.21 -21.44 -4.05
N LYS C 133 -15.91 -21.38 -5.17
CA LYS C 133 -16.97 -20.38 -5.33
C LYS C 133 -18.11 -20.66 -4.37
N GLU C 134 -18.57 -21.91 -4.31
CA GLU C 134 -19.68 -22.24 -3.43
C GLU C 134 -19.28 -22.07 -1.98
N TYR C 135 -18.01 -22.32 -1.65
CA TYR C 135 -17.58 -22.17 -0.27
C TYR C 135 -17.54 -20.72 0.17
N ILE C 136 -17.07 -19.84 -0.70
CA ILE C 136 -16.85 -18.43 -0.35
C ILE C 136 -18.15 -17.61 -0.37
N PHE C 137 -19.03 -17.91 -1.32
CA PHE C 137 -20.22 -17.08 -1.55
C PHE C 137 -21.53 -17.73 -1.17
N LYS C 138 -21.58 -19.06 -1.16
CA LYS C 138 -22.86 -19.72 -0.93
C LYS C 138 -22.83 -20.66 0.26
N SER C 139 -21.71 -20.72 0.96
CA SER C 139 -21.60 -21.55 2.16
C SER C 139 -21.53 -20.72 3.46
N LYS D 28 -6.04 -31.60 3.78
CA LYS D 28 -6.50 -32.86 3.23
C LYS D 28 -6.93 -32.68 1.78
N THR D 29 -7.98 -31.89 1.55
CA THR D 29 -8.43 -31.67 0.17
C THR D 29 -7.34 -31.10 -0.73
N GLN D 30 -7.63 -31.11 -2.03
CA GLN D 30 -6.69 -30.59 -3.02
C GLN D 30 -6.67 -29.06 -3.04
N ILE D 31 -7.76 -28.41 -2.66
CA ILE D 31 -7.78 -26.95 -2.64
C ILE D 31 -6.79 -26.46 -1.60
N GLU D 32 -6.79 -27.13 -0.46
CA GLU D 32 -5.91 -26.77 0.63
C GLU D 32 -4.45 -26.91 0.24
N LYS D 33 -4.13 -27.98 -0.46
CA LYS D 33 -2.77 -28.19 -0.88
C LYS D 33 -2.36 -27.08 -1.82
N LEU D 34 -3.27 -26.70 -2.70
CA LEU D 34 -3.00 -25.63 -3.65
C LEU D 34 -2.76 -24.33 -2.92
N LEU D 35 -3.59 -24.03 -1.93
CA LEU D 35 -3.38 -22.82 -1.16
C LEU D 35 -2.01 -22.82 -0.47
N GLU D 36 -1.66 -23.95 0.14
CA GLU D 36 -0.36 -24.09 0.79
C GLU D 36 0.81 -23.88 -0.18
N PHE D 37 0.73 -24.50 -1.35
CA PHE D 37 1.81 -24.41 -2.31
C PHE D 37 1.97 -23.01 -2.92
N MSE D 38 0.86 -22.44 -3.37
CA MSE D 38 0.91 -21.21 -4.15
C MSE D 38 1.32 -20.01 -3.31
O MSE D 38 1.91 -19.06 -3.83
CB MSE D 38 -0.44 -20.93 -4.79
CG MSE D 38 -1.08 -22.07 -5.52
SE MSE D 38 -2.69 -21.36 -6.34
CE MSE D 38 -1.71 -20.31 -7.62
N TYR D 39 0.97 -20.04 -2.02
CA TYR D 39 1.17 -18.86 -1.17
C TYR D 39 2.15 -19.16 -0.04
N GLY D 40 2.74 -20.35 -0.05
CA GLY D 40 3.70 -20.73 0.96
C GLY D 40 3.13 -20.62 2.36
N LEU D 41 1.99 -21.27 2.57
CA LEU D 41 1.29 -21.24 3.85
C LEU D 41 1.44 -22.58 4.53
N ASN D 42 1.54 -22.55 5.84
CA ASN D 42 1.57 -23.77 6.58
C ASN D 42 0.10 -24.16 6.66
N GLU D 43 -0.20 -25.34 7.17
CA GLU D 43 -1.58 -25.77 7.25
C GLU D 43 -2.46 -24.90 8.13
N LYS D 44 -1.97 -24.41 9.24
CA LYS D 44 -2.81 -23.59 10.08
C LYS D 44 -3.21 -22.27 9.41
N GLU D 45 -2.28 -21.68 8.68
CA GLU D 45 -2.52 -20.42 8.02
C GLU D 45 -3.69 -20.53 7.09
N VAL D 46 -3.85 -21.67 6.47
CA VAL D 46 -4.97 -21.89 5.58
C VAL D 46 -6.29 -21.87 6.36
N GLN D 47 -6.32 -22.46 7.55
CA GLN D 47 -7.57 -22.49 8.29
C GLN D 47 -7.85 -21.14 8.97
N LEU D 48 -6.79 -20.34 9.16
CA LEU D 48 -6.94 -18.94 9.56
C LEU D 48 -7.73 -18.15 8.49
N ILE D 49 -7.40 -18.37 7.23
CA ILE D 49 -8.15 -17.74 6.13
C ILE D 49 -9.62 -18.19 6.18
N PHE D 50 -9.86 -19.46 6.45
CA PHE D 50 -11.21 -19.99 6.38
C PHE D 50 -12.03 -19.60 7.60
N ARG D 51 -11.33 -19.37 8.71
CA ARG D 51 -11.95 -18.84 9.93
C ARG D 51 -12.43 -17.39 9.74
N LEU D 52 -11.58 -16.57 9.14
CA LEU D 52 -11.98 -15.21 8.77
C LEU D 52 -13.13 -15.22 7.76
N LEU D 53 -13.12 -16.17 6.82
CA LEU D 53 -14.24 -16.32 5.89
C LEU D 53 -15.56 -16.68 6.60
N TYR D 54 -15.44 -17.41 7.69
CA TYR D 54 -16.60 -17.91 8.41
C TYR D 54 -17.29 -16.79 9.23
N SER D 55 -16.54 -15.73 9.52
CA SER D 55 -16.98 -14.71 10.47
C SER D 55 -17.93 -13.65 9.90
N ASP D 56 -18.82 -13.15 10.73
CA ASP D 56 -19.72 -12.04 10.37
C ASP D 56 -19.11 -10.67 10.67
N THR D 57 -17.98 -10.66 11.37
CA THR D 57 -17.38 -9.41 11.80
C THR D 57 -15.87 -9.45 11.60
N LYS D 58 -15.20 -8.33 11.78
CA LYS D 58 -13.74 -8.28 11.76
C LYS D 58 -13.14 -8.80 13.08
N LEU D 59 -12.02 -9.52 13.00
CA LEU D 59 -11.50 -10.23 14.17
C LEU D 59 -10.19 -9.64 14.65
N ASN D 60 -10.00 -9.61 15.96
CA ASN D 60 -8.76 -9.15 16.57
C ASN D 60 -7.92 -10.35 17.00
N ILE D 61 -6.64 -10.10 17.28
CA ILE D 61 -5.70 -11.19 17.46
C ILE D 61 -5.91 -11.91 18.79
N GLU D 62 -6.58 -11.27 19.74
CA GLU D 62 -6.75 -11.89 21.05
C GLU D 62 -7.76 -13.04 20.98
N GLU D 63 -8.82 -12.82 20.23
CA GLU D 63 -9.81 -13.88 20.07
C GLU D 63 -9.28 -14.94 19.12
N LEU D 64 -8.50 -14.56 18.12
CA LEU D 64 -7.90 -15.55 17.24
C LEU D 64 -6.85 -16.38 17.98
N ALA D 65 -6.00 -15.74 18.78
CA ALA D 65 -5.03 -16.46 19.63
C ALA D 65 -5.71 -17.46 20.55
N GLU D 66 -6.81 -17.04 21.19
CA GLU D 66 -7.62 -17.90 22.02
C GLU D 66 -8.27 -19.07 21.26
N GLU D 67 -8.73 -18.83 20.03
CA GLU D 67 -9.33 -19.90 19.22
C GLU D 67 -8.26 -20.91 18.76
N PHE D 68 -7.11 -20.41 18.33
CA PHE D 68 -6.07 -21.29 17.80
C PHE D 68 -5.08 -21.80 18.86
N LYS D 69 -5.29 -21.38 20.10
CA LYS D 69 -4.46 -21.81 21.23
C LYS D 69 -2.98 -21.65 20.92
N VAL D 70 -2.60 -20.42 20.61
CA VAL D 70 -1.20 -19.99 20.52
C VAL D 70 -1.13 -18.59 21.11
N SER D 71 0.08 -18.06 21.25
CA SER D 71 0.27 -16.74 21.81
C SER D 71 -0.15 -15.63 20.83
N LYS D 72 -0.45 -14.46 21.39
CA LYS D 72 -0.77 -13.28 20.62
C LYS D 72 0.34 -12.95 19.63
N ALA D 73 1.59 -13.05 20.06
CA ALA D 73 2.73 -12.73 19.20
C ALA D 73 2.76 -13.61 17.97
N LEU D 74 2.59 -14.91 18.16
CA LEU D 74 2.61 -15.83 17.05
C LEU D 74 1.48 -15.69 16.04
N ILE D 75 0.27 -15.56 16.54
CA ILE D 75 -0.88 -15.42 15.71
C ILE D 75 -0.76 -14.12 14.95
N SER D 76 -0.24 -13.13 15.65
CA SER D 76 -0.07 -11.82 15.09
C SER D 76 0.91 -11.88 13.94
N LYS D 77 1.95 -12.68 14.09
CA LYS D 77 2.94 -12.83 13.05
C LYS D 77 2.34 -13.42 11.78
N SER D 78 1.55 -14.47 11.92
CA SER D 78 0.92 -15.09 10.76
C SER D 78 -0.11 -14.19 10.09
N LEU D 79 -0.89 -13.48 10.90
CA LEU D 79 -1.87 -12.58 10.35
C LEU D 79 -1.17 -11.50 9.57
N SER D 80 -0.06 -11.01 10.10
CA SER D 80 0.71 -9.98 9.44
C SER D 80 1.22 -10.50 8.10
N GLU D 81 1.67 -11.75 8.11
CA GLU D 81 2.14 -12.43 6.90
C GLU D 81 1.05 -12.61 5.84
N LEU D 82 -0.15 -12.99 6.26
CA LEU D 82 -1.26 -13.16 5.31
C LEU D 82 -1.63 -11.82 4.70
N ALA D 83 -1.65 -10.78 5.52
CA ALA D 83 -2.01 -9.44 5.07
C ALA D 83 -0.98 -8.94 4.06
N ASN D 84 0.31 -9.08 4.40
CA ASN D 84 1.40 -8.70 3.50
C ASN D 84 1.39 -9.52 2.22
N LYS D 85 0.68 -10.65 2.24
CA LYS D 85 0.55 -11.50 1.07
C LYS D 85 -0.72 -11.14 0.28
N GLY D 86 -1.54 -10.26 0.84
CA GLY D 86 -2.77 -9.83 0.20
C GLY D 86 -3.95 -10.81 0.31
N LEU D 87 -3.80 -11.86 1.11
CA LEU D 87 -4.82 -12.90 1.22
C LEU D 87 -5.96 -12.47 2.15
N ILE D 88 -5.59 -11.72 3.18
CA ILE D 88 -6.55 -11.11 4.07
C ILE D 88 -6.28 -9.61 4.17
N GLU D 89 -7.24 -8.88 4.73
CA GLU D 89 -7.07 -7.45 5.01
C GLU D 89 -6.76 -7.21 6.48
N ARG D 90 -5.97 -6.16 6.73
CA ARG D 90 -5.60 -5.73 8.07
C ARG D 90 -6.12 -4.31 8.21
N GLU D 91 -6.94 -4.07 9.21
CA GLU D 91 -7.44 -2.74 9.43
C GLU D 91 -7.06 -2.37 10.86
N LYS D 92 -6.47 -1.20 10.94
CA LYS D 92 -6.02 -0.71 12.18
C LYS D 92 -6.91 0.32 12.81
N VAL D 93 -7.38 -0.13 13.97
CA VAL D 93 -8.31 0.51 14.87
C VAL D 93 -7.88 1.24 16.09
N SER D 94 -6.65 1.11 16.49
CA SER D 94 -6.13 1.91 17.60
C SER D 94 -4.59 1.92 17.66
N ASN D 95 -4.03 2.94 18.30
CA ASN D 95 -2.61 2.96 18.64
C ASN D 95 -2.37 2.75 20.14
N GLU D 96 -3.34 2.20 20.86
CA GLU D 96 -3.24 2.13 22.32
C GLU D 96 -3.27 0.71 22.90
N GLY D 97 -2.60 -0.18 22.20
CA GLY D 97 -2.45 -1.56 22.59
C GLY D 97 -1.34 -1.61 23.61
N ARG D 98 -1.11 -2.77 24.19
CA ARG D 98 -0.09 -2.90 25.19
C ARG D 98 1.25 -2.49 24.60
N LYS D 99 2.02 -1.73 25.36
CA LYS D 99 3.33 -1.24 24.94
C LYS D 99 3.18 -0.20 23.86
N GLY D 100 1.97 0.33 23.70
CA GLY D 100 1.73 1.34 22.68
C GLY D 100 1.71 0.77 21.28
N ARG D 101 1.64 -0.54 21.19
CA ARG D 101 1.62 -1.24 19.93
C ARG D 101 0.27 -0.98 19.29
N PRO D 102 0.20 -0.82 17.99
CA PRO D 102 -1.14 -0.60 17.39
C PRO D 102 -2.01 -1.84 17.43
N ILE D 103 -3.33 -1.66 17.44
CA ILE D 103 -4.24 -2.79 17.48
C ILE D 103 -4.87 -2.97 16.11
N TYR D 104 -4.72 -4.15 15.53
CA TYR D 104 -5.32 -4.44 14.24
C TYR D 104 -6.52 -5.36 14.34
N VAL D 105 -7.46 -5.19 13.40
CA VAL D 105 -8.41 -6.25 13.19
C VAL D 105 -8.21 -6.79 11.77
N TYR D 106 -8.64 -8.02 11.55
CA TYR D 106 -8.42 -8.67 10.27
C TYR D 106 -9.67 -9.25 9.72
N TYR D 107 -9.75 -9.30 8.40
CA TYR D 107 -10.91 -9.86 7.75
C TYR D 107 -10.57 -10.27 6.34
N VAL D 108 -11.54 -10.86 5.66
CA VAL D 108 -11.37 -11.22 4.27
C VAL D 108 -12.35 -10.46 3.37
N ASP D 109 -11.80 -9.83 2.33
CA ASP D 109 -12.59 -9.28 1.21
C ASP D 109 -12.87 -10.44 0.25
N ARG D 110 -14.09 -10.96 0.29
CA ARG D 110 -14.43 -12.19 -0.43
C ARG D 110 -14.31 -12.11 -1.95
N GLU D 111 -14.83 -11.05 -2.56
CA GLU D 111 -14.70 -10.80 -4.01
C GLU D 111 -13.22 -10.75 -4.45
N GLN D 112 -12.40 -10.05 -3.67
CA GLN D 112 -10.99 -9.91 -4.01
C GLN D 112 -10.27 -11.25 -3.87
N LEU D 113 -10.57 -11.96 -2.79
CA LEU D 113 -9.89 -13.21 -2.52
C LEU D 113 -10.23 -14.25 -3.60
N PHE D 114 -11.51 -14.40 -3.92
CA PHE D 114 -11.90 -15.35 -4.95
C PHE D 114 -11.26 -15.05 -6.30
N LYS D 115 -11.26 -13.77 -6.71
CA LYS D 115 -10.69 -13.38 -8.00
C LYS D 115 -9.20 -13.63 -8.02
N ARG D 116 -8.54 -13.31 -6.93
CA ARG D 116 -7.13 -13.50 -6.82
C ARG D 116 -6.72 -14.96 -6.83
N ILE D 117 -7.42 -15.81 -6.11
CA ILE D 117 -7.09 -17.23 -6.13
C ILE D 117 -7.46 -17.80 -7.51
N SER D 118 -8.56 -17.30 -8.08
CA SER D 118 -8.98 -17.76 -9.41
C SER D 118 -7.92 -17.44 -10.45
N ARG D 119 -7.45 -16.19 -10.44
CA ARG D 119 -6.46 -15.75 -11.39
C ARG D 119 -5.16 -16.55 -11.21
N ASP D 120 -4.70 -16.68 -9.97
CA ASP D 120 -3.45 -17.38 -9.69
C ASP D 120 -3.48 -18.87 -10.04
N LEU D 121 -4.62 -19.52 -9.82
CA LEU D 121 -4.75 -20.92 -10.21
C LEU D 121 -4.66 -21.08 -11.73
N GLU D 122 -5.46 -20.30 -12.45
CA GLU D 122 -5.44 -20.29 -13.91
C GLU D 122 -4.01 -20.06 -14.44
N GLU D 123 -3.24 -19.20 -13.78
CA GLU D 123 -1.88 -18.93 -14.25
C GLU D 123 -0.93 -20.10 -13.94
N LEU D 124 -1.08 -20.68 -12.75
CA LEU D 124 -0.26 -21.83 -12.35
C LEU D 124 -0.43 -22.99 -13.33
N VAL D 125 -1.68 -23.30 -13.64
CA VAL D 125 -2.01 -24.35 -14.59
C VAL D 125 -1.44 -24.07 -15.98
N GLN D 126 -1.63 -22.84 -16.47
CA GLN D 126 -1.18 -22.52 -17.81
C GLN D 126 0.34 -22.61 -17.90
N ALA D 127 1.04 -22.19 -16.85
CA ALA D 127 2.50 -22.21 -16.87
C ALA D 127 3.02 -23.62 -16.66
N SER D 128 2.30 -24.40 -15.85
CA SER D 128 2.60 -25.82 -15.66
C SER D 128 2.48 -26.59 -16.96
N ILE D 129 1.33 -26.45 -17.61
CA ILE D 129 1.08 -27.09 -18.89
C ILE D 129 2.15 -26.70 -19.90
N ALA D 130 2.61 -25.45 -19.84
CA ALA D 130 3.62 -24.99 -20.80
C ALA D 130 5.03 -25.52 -20.46
N LYS D 131 5.37 -25.63 -19.17
CA LYS D 131 6.69 -26.17 -18.79
C LYS D 131 6.74 -27.65 -19.18
N LEU D 132 5.66 -28.36 -18.87
CA LEU D 132 5.47 -29.75 -19.24
C LEU D 132 5.62 -29.97 -20.74
N LYS D 133 4.94 -29.16 -21.53
CA LYS D 133 4.99 -29.33 -22.96
C LYS D 133 6.40 -29.17 -23.48
N GLU D 134 7.13 -28.18 -22.99
CA GLU D 134 8.50 -28.02 -23.45
C GLU D 134 9.34 -29.22 -23.03
N TYR D 135 9.11 -29.71 -21.82
CA TYR D 135 9.83 -30.88 -21.34
C TYR D 135 9.50 -32.17 -22.08
N ILE D 136 8.23 -32.44 -22.34
CA ILE D 136 7.83 -33.66 -23.02
C ILE D 136 8.37 -33.69 -24.42
N PHE D 137 8.25 -32.57 -25.12
CA PHE D 137 8.79 -32.44 -26.48
C PHE D 137 10.11 -31.68 -26.45
N LYS D 138 10.61 -31.33 -27.64
CA LYS D 138 11.84 -30.54 -27.76
C LYS D 138 13.01 -31.17 -26.98
N LYS E 28 -24.96 19.91 -12.69
CA LYS E 28 -23.55 20.20 -12.97
C LYS E 28 -23.18 21.62 -12.56
N THR E 29 -22.16 21.75 -11.72
CA THR E 29 -21.70 23.05 -11.26
C THR E 29 -20.99 23.81 -12.36
N GLN E 30 -20.82 25.11 -12.20
CA GLN E 30 -20.16 25.92 -13.20
C GLN E 30 -18.71 25.55 -13.41
N ILE E 31 -18.01 25.25 -12.33
CA ILE E 31 -16.60 24.88 -12.40
C ILE E 31 -16.45 23.60 -13.22
N GLU E 32 -17.39 22.68 -13.07
CA GLU E 32 -17.35 21.44 -13.80
C GLU E 32 -17.43 21.78 -15.28
N LYS E 33 -18.28 22.74 -15.61
CA LYS E 33 -18.47 23.19 -16.99
C LYS E 33 -17.26 23.93 -17.53
N LEU E 34 -16.65 24.76 -16.69
CA LEU E 34 -15.45 25.50 -17.07
C LEU E 34 -14.31 24.56 -17.45
N LEU E 35 -14.04 23.57 -16.62
CA LEU E 35 -12.98 22.63 -16.87
C LEU E 35 -13.18 21.81 -18.11
N GLU E 36 -14.40 21.40 -18.37
CA GLU E 36 -14.65 20.62 -19.54
C GLU E 36 -14.33 21.42 -20.78
N PHE E 37 -14.74 22.67 -20.80
CA PHE E 37 -14.46 23.51 -21.94
C PHE E 37 -12.99 23.79 -22.08
N MSE E 38 -12.37 24.09 -20.97
CA MSE E 38 -10.98 24.44 -20.91
C MSE E 38 -10.00 23.38 -21.29
O MSE E 38 -9.00 23.70 -21.93
CB MSE E 38 -10.78 24.76 -19.45
CG MSE E 38 -9.38 25.24 -19.17
SE MSE E 38 -9.35 25.73 -17.28
CE MSE E 38 -10.23 27.44 -17.57
N TYR E 39 -10.24 22.14 -20.92
CA TYR E 39 -9.34 21.06 -21.22
C TYR E 39 -9.92 20.00 -22.11
N GLY E 40 -11.09 20.26 -22.65
CA GLY E 40 -11.78 19.29 -23.47
C GLY E 40 -11.98 17.95 -22.78
N LEU E 41 -12.54 18.00 -21.57
CA LEU E 41 -12.75 16.79 -20.77
C LEU E 41 -14.22 16.38 -20.79
N ASN E 42 -14.49 15.10 -20.52
CA ASN E 42 -15.85 14.64 -20.28
C ASN E 42 -16.29 14.98 -18.86
N GLU E 43 -17.56 14.77 -18.54
CA GLU E 43 -18.04 14.98 -17.17
C GLU E 43 -17.30 14.09 -16.20
N LYS E 44 -17.19 12.81 -16.58
CA LYS E 44 -16.59 11.81 -15.72
C LYS E 44 -15.10 12.07 -15.47
N GLU E 45 -14.41 12.69 -16.42
CA GLU E 45 -13.00 13.04 -16.22
C GLU E 45 -12.82 14.16 -15.20
N VAL E 46 -13.78 15.09 -15.17
CA VAL E 46 -13.77 16.12 -14.14
C VAL E 46 -14.09 15.49 -12.78
N GLN E 47 -15.00 14.53 -12.77
CA GLN E 47 -15.24 13.77 -11.54
C GLN E 47 -13.99 12.98 -11.13
N LEU E 48 -13.24 12.48 -12.12
CA LEU E 48 -12.01 11.76 -11.84
C LEU E 48 -11.01 12.62 -11.08
N ILE E 49 -10.74 13.81 -11.60
CA ILE E 49 -9.85 14.79 -10.95
C ILE E 49 -10.24 15.03 -9.51
N PHE E 50 -11.53 15.27 -9.30
CA PHE E 50 -12.02 15.60 -7.97
C PHE E 50 -12.04 14.38 -7.09
N ARG E 51 -12.30 13.22 -7.69
CA ARG E 51 -12.16 11.97 -6.98
C ARG E 51 -10.74 11.84 -6.43
N LEU E 52 -9.74 12.14 -7.26
CA LEU E 52 -8.34 12.05 -6.83
C LEU E 52 -8.02 13.14 -5.80
N LEU E 53 -8.59 14.33 -6.01
CA LEU E 53 -8.32 15.46 -5.15
C LEU E 53 -8.72 15.18 -3.69
N TYR E 54 -9.90 14.61 -3.49
CA TYR E 54 -10.42 14.40 -2.14
C TYR E 54 -10.02 13.07 -1.51
N SER E 55 -9.03 12.42 -2.10
CA SER E 55 -8.59 11.15 -1.59
C SER E 55 -7.38 11.28 -0.70
N ASP E 56 -7.45 10.62 0.44
CA ASP E 56 -6.37 10.60 1.40
C ASP E 56 -5.15 9.92 0.82
N THR E 57 -5.40 8.88 0.04
CA THR E 57 -4.36 8.07 -0.54
C THR E 57 -4.29 7.95 -2.05
N LYS E 58 -3.07 7.80 -2.57
CA LYS E 58 -2.84 7.54 -3.96
C LYS E 58 -3.74 6.39 -4.45
N LEU E 59 -4.32 6.52 -5.64
CA LEU E 59 -5.21 5.48 -6.14
C LEU E 59 -4.64 4.76 -7.35
N ASN E 60 -4.95 3.46 -7.46
CA ASN E 60 -4.47 2.65 -8.57
C ASN E 60 -5.57 2.46 -9.62
N ILE E 61 -5.23 1.90 -10.77
CA ILE E 61 -6.20 1.82 -11.87
C ILE E 61 -7.33 0.81 -11.62
N GLU E 62 -7.12 -0.14 -10.72
CA GLU E 62 -8.11 -1.19 -10.55
C GLU E 62 -9.29 -0.64 -9.77
N GLU E 63 -9.00 0.06 -8.69
CA GLU E 63 -10.08 0.58 -7.85
C GLU E 63 -10.81 1.70 -8.58
N LEU E 64 -10.08 2.49 -9.36
CA LEU E 64 -10.68 3.55 -10.17
C LEU E 64 -11.58 2.95 -11.25
N ALA E 65 -11.16 1.86 -11.86
CA ALA E 65 -11.96 1.21 -12.88
C ALA E 65 -13.27 0.68 -12.32
N GLU E 66 -13.20 0.06 -11.15
CA GLU E 66 -14.39 -0.49 -10.50
C GLU E 66 -15.37 0.62 -10.14
N GLU E 67 -14.84 1.75 -9.73
CA GLU E 67 -15.66 2.89 -9.33
C GLU E 67 -16.36 3.58 -10.48
N PHE E 68 -15.65 3.76 -11.58
CA PHE E 68 -16.21 4.44 -12.74
C PHE E 68 -16.83 3.41 -13.69
N LYS E 69 -16.91 2.17 -13.22
CA LYS E 69 -17.54 1.05 -13.93
C LYS E 69 -17.10 0.99 -15.39
N VAL E 70 -15.79 0.98 -15.58
CA VAL E 70 -15.17 1.11 -16.89
C VAL E 70 -13.97 0.15 -16.91
N SER E 71 -13.52 -0.27 -18.09
CA SER E 71 -12.37 -1.17 -18.18
C SER E 71 -11.09 -0.47 -17.71
N LYS E 72 -10.04 -1.24 -17.49
CA LYS E 72 -8.79 -0.66 -17.03
C LYS E 72 -8.15 0.16 -18.14
N ALA E 73 -8.29 -0.32 -19.37
CA ALA E 73 -7.72 0.37 -20.54
C ALA E 73 -8.29 1.76 -20.71
N LEU E 74 -9.59 1.92 -20.44
CA LEU E 74 -10.24 3.20 -20.64
C LEU E 74 -9.95 4.17 -19.48
N ILE E 75 -9.96 3.68 -18.24
CA ILE E 75 -9.60 4.53 -17.11
C ILE E 75 -8.15 4.99 -17.30
N SER E 76 -7.31 4.10 -17.84
CA SER E 76 -5.89 4.36 -17.99
C SER E 76 -5.65 5.43 -19.05
N LYS E 77 -6.48 5.43 -20.09
CA LYS E 77 -6.42 6.47 -21.13
C LYS E 77 -6.77 7.85 -20.58
N SER E 78 -7.87 7.95 -19.84
CA SER E 78 -8.28 9.18 -19.21
C SER E 78 -7.21 9.72 -18.23
N LEU E 79 -6.69 8.85 -17.37
CA LEU E 79 -5.65 9.25 -16.42
C LEU E 79 -4.40 9.80 -17.11
N SER E 80 -4.05 9.23 -18.26
CA SER E 80 -2.88 9.69 -19.03
C SER E 80 -3.11 11.06 -19.67
N GLU E 81 -4.34 11.29 -20.12
CA GLU E 81 -4.71 12.58 -20.69
C GLU E 81 -4.71 13.69 -19.63
N LEU E 82 -5.26 13.39 -18.46
CA LEU E 82 -5.17 14.29 -17.32
C LEU E 82 -3.71 14.48 -16.89
N ALA E 83 -2.91 13.41 -16.98
CA ALA E 83 -1.49 13.50 -16.65
C ALA E 83 -0.81 14.46 -17.61
N ASN E 84 -1.02 14.24 -18.91
CA ASN E 84 -0.42 15.06 -19.95
C ASN E 84 -0.85 16.53 -19.93
N LYS E 85 -2.07 16.79 -19.46
CA LYS E 85 -2.57 18.15 -19.35
C LYS E 85 -2.05 18.85 -18.10
N GLY E 86 -1.29 18.11 -17.28
CA GLY E 86 -0.69 18.65 -16.09
C GLY E 86 -1.64 18.74 -14.91
N LEU E 87 -2.74 17.99 -14.97
CA LEU E 87 -3.81 18.12 -13.97
C LEU E 87 -3.66 17.15 -12.80
N ILE E 88 -3.12 15.97 -13.06
CA ILE E 88 -2.92 15.00 -12.00
C ILE E 88 -1.50 14.51 -12.02
N GLU E 89 -1.10 13.87 -10.93
CA GLU E 89 0.24 13.33 -10.80
C GLU E 89 0.21 11.84 -11.03
N ARG E 90 1.32 11.31 -11.55
CA ARG E 90 1.45 9.87 -11.74
C ARG E 90 2.75 9.48 -11.05
N GLU E 91 2.70 8.40 -10.30
CA GLU E 91 3.89 7.93 -9.62
C GLU E 91 4.16 6.43 -9.93
N LYS E 92 5.38 6.11 -10.34
CA LYS E 92 5.79 4.70 -10.43
C LYS E 92 6.14 4.16 -9.02
N VAL E 93 5.35 3.23 -8.49
CA VAL E 93 5.64 2.67 -7.16
C VAL E 93 6.41 1.35 -7.24
N SER E 94 6.52 0.80 -8.45
CA SER E 94 7.21 -0.48 -8.65
C SER E 94 7.44 -0.81 -10.14
N ASN E 95 8.49 -1.59 -10.41
CA ASN E 95 8.73 -2.22 -11.73
C ASN E 95 8.32 -3.69 -11.74
N GLU E 96 8.02 -4.23 -10.56
CA GLU E 96 7.76 -5.65 -10.40
C GLU E 96 6.28 -5.94 -10.27
N GLY E 97 5.48 -5.35 -11.15
CA GLY E 97 4.07 -5.69 -11.26
C GLY E 97 3.83 -7.09 -11.80
N ARG E 98 2.57 -7.45 -12.02
CA ARG E 98 2.24 -8.82 -12.38
C ARG E 98 2.91 -9.47 -13.58
N LYS E 99 3.10 -8.74 -14.66
CA LYS E 99 3.74 -9.33 -15.81
C LYS E 99 5.07 -8.65 -16.04
N GLY E 100 5.78 -8.31 -14.99
CA GLY E 100 7.03 -7.60 -15.19
C GLY E 100 6.80 -6.17 -15.64
N ARG E 101 5.56 -5.72 -15.50
CA ARG E 101 5.15 -4.39 -15.92
C ARG E 101 5.18 -3.42 -14.75
N PRO E 102 5.55 -2.17 -15.00
CA PRO E 102 5.61 -1.19 -13.91
C PRO E 102 4.21 -0.85 -13.37
N ILE E 103 4.14 -0.42 -12.11
CA ILE E 103 2.88 -0.09 -11.48
C ILE E 103 2.81 1.42 -11.21
N TYR E 104 1.73 2.05 -11.63
CA TYR E 104 1.59 3.48 -11.39
C TYR E 104 0.43 3.75 -10.46
N VAL E 105 0.61 4.72 -9.56
CA VAL E 105 -0.54 5.22 -8.81
C VAL E 105 -0.73 6.71 -9.14
N TYR E 106 -1.93 7.19 -8.87
CA TYR E 106 -2.33 8.52 -9.26
C TYR E 106 -2.83 9.33 -8.08
N TYR E 107 -2.53 10.62 -8.09
CA TYR E 107 -2.95 11.52 -7.02
C TYR E 107 -2.94 12.96 -7.56
N VAL E 108 -3.52 13.87 -6.80
CA VAL E 108 -3.49 15.29 -7.15
C VAL E 108 -2.56 16.04 -6.20
N ASP E 109 -1.71 16.88 -6.76
CA ASP E 109 -0.93 17.84 -5.99
C ASP E 109 -1.74 19.16 -5.97
N ARG E 110 -2.31 19.48 -4.82
CA ARG E 110 -3.25 20.62 -4.67
C ARG E 110 -2.71 21.97 -5.14
N GLU E 111 -1.50 22.32 -4.73
CA GLU E 111 -0.87 23.56 -5.18
C GLU E 111 -0.66 23.56 -6.70
N GLN E 112 -0.30 22.41 -7.23
CA GLN E 112 -0.01 22.25 -8.65
C GLN E 112 -1.30 22.36 -9.48
N LEU E 113 -2.35 21.66 -9.03
CA LEU E 113 -3.64 21.72 -9.69
C LEU E 113 -4.17 23.17 -9.75
N PHE E 114 -4.16 23.84 -8.60
CA PHE E 114 -4.60 25.21 -8.54
C PHE E 114 -3.72 26.10 -9.42
N LYS E 115 -2.41 25.92 -9.36
CA LYS E 115 -1.52 26.69 -10.22
C LYS E 115 -1.79 26.43 -11.70
N ARG E 116 -1.99 25.16 -12.07
CA ARG E 116 -2.22 24.81 -13.47
C ARG E 116 -3.49 25.45 -14.04
N ILE E 117 -4.61 25.27 -13.35
CA ILE E 117 -5.91 25.78 -13.82
C ILE E 117 -5.97 27.31 -13.85
N SER E 118 -5.42 27.93 -12.83
CA SER E 118 -5.50 29.37 -12.70
C SER E 118 -4.55 30.04 -13.69
N ARG E 119 -3.34 29.50 -13.88
CA ARG E 119 -2.44 30.04 -14.89
C ARG E 119 -3.00 29.87 -16.30
N ASP E 120 -3.55 28.71 -16.61
CA ASP E 120 -4.11 28.45 -17.92
C ASP E 120 -5.24 29.41 -18.21
N LEU E 121 -6.08 29.60 -17.20
CA LEU E 121 -7.23 30.48 -17.32
C LEU E 121 -6.83 31.92 -17.56
N GLU E 122 -5.84 32.38 -16.81
CA GLU E 122 -5.38 33.75 -16.96
C GLU E 122 -4.86 33.90 -18.36
N GLU E 123 -4.19 32.86 -18.80
CA GLU E 123 -3.60 32.79 -20.14
C GLU E 123 -4.68 32.83 -21.24
N LEU E 124 -5.79 32.14 -21.00
CA LEU E 124 -6.84 32.05 -22.00
C LEU E 124 -7.56 33.39 -22.14
N VAL E 125 -7.70 34.09 -21.03
CA VAL E 125 -8.33 35.40 -21.02
C VAL E 125 -7.45 36.43 -21.71
N GLN E 126 -6.16 36.45 -21.38
CA GLN E 126 -5.22 37.36 -22.05
C GLN E 126 -5.19 37.12 -23.56
N ALA E 127 -5.05 35.86 -23.97
CA ALA E 127 -5.02 35.51 -25.38
C ALA E 127 -6.34 35.88 -26.10
N SER E 128 -7.47 35.58 -25.46
CA SER E 128 -8.79 35.87 -26.03
C SER E 128 -9.05 37.36 -26.19
N ILE E 129 -8.75 38.12 -25.15
CA ILE E 129 -8.97 39.55 -25.17
C ILE E 129 -8.05 40.20 -26.20
N ALA E 130 -6.83 39.70 -26.32
CA ALA E 130 -5.90 40.25 -27.29
C ALA E 130 -6.34 39.91 -28.71
N LYS E 131 -6.85 38.71 -28.91
CA LYS E 131 -7.33 38.26 -30.21
C LYS E 131 -8.60 38.99 -30.67
N LEU E 132 -9.62 39.04 -29.81
CA LEU E 132 -10.85 39.70 -30.26
C LEU E 132 -10.68 41.22 -30.29
N LYS E 133 -9.67 41.74 -29.60
CA LYS E 133 -9.36 43.17 -29.69
C LYS E 133 -8.92 43.54 -31.10
N GLU E 134 -8.27 42.60 -31.78
CA GLU E 134 -7.81 42.84 -33.14
C GLU E 134 -8.89 42.50 -34.16
N TYR E 135 -9.72 41.51 -33.84
CA TYR E 135 -10.91 41.20 -34.64
C TYR E 135 -11.83 42.39 -34.76
N ILE E 136 -12.22 42.93 -33.61
CA ILE E 136 -13.24 43.99 -33.49
C ILE E 136 -12.73 45.34 -33.97
N PHE E 137 -11.57 45.77 -33.47
CA PHE E 137 -10.91 46.97 -33.98
C PHE E 137 -9.79 46.58 -34.94
N LYS E 138 -9.93 46.95 -36.21
CA LYS E 138 -8.94 46.61 -37.23
C LYS E 138 -8.77 45.09 -37.34
N LYS F 28 -13.32 25.30 -36.39
CA LYS F 28 -13.59 26.60 -35.79
C LYS F 28 -12.46 27.03 -34.86
N THR F 29 -12.26 28.34 -34.81
CA THR F 29 -11.27 29.00 -33.98
C THR F 29 -11.70 29.03 -32.53
N GLN F 30 -10.76 29.38 -31.67
CA GLN F 30 -11.00 29.43 -30.25
C GLN F 30 -12.05 30.45 -29.85
N ILE F 31 -12.02 31.61 -30.48
CA ILE F 31 -12.94 32.68 -30.13
C ILE F 31 -14.41 32.31 -30.26
N GLU F 32 -14.77 31.60 -31.31
CA GLU F 32 -16.18 31.20 -31.46
C GLU F 32 -16.59 30.18 -30.41
N LYS F 33 -15.79 29.15 -30.16
CA LYS F 33 -16.13 28.18 -29.12
C LYS F 33 -16.17 28.86 -27.75
N LEU F 34 -15.27 29.81 -27.52
CA LEU F 34 -15.30 30.61 -26.28
C LEU F 34 -16.58 31.43 -26.12
N LEU F 35 -17.06 32.03 -27.21
CA LEU F 35 -18.28 32.83 -27.13
C LEU F 35 -19.51 31.96 -26.94
N GLU F 36 -19.49 30.76 -27.53
CA GLU F 36 -20.55 29.80 -27.33
C GLU F 36 -20.64 29.40 -25.85
N PHE F 37 -19.50 29.15 -25.22
CA PHE F 37 -19.43 28.80 -23.80
C PHE F 37 -19.95 29.92 -22.86
N MSE F 38 -19.55 31.16 -23.14
CA MSE F 38 -19.88 32.30 -22.26
C MSE F 38 -21.34 32.69 -22.30
O MSE F 38 -21.96 32.90 -21.27
CB MSE F 38 -19.06 33.52 -22.63
CG MSE F 38 -17.56 33.38 -22.50
SE MSE F 38 -16.72 35.06 -23.04
CE MSE F 38 -17.14 36.09 -21.46
N TYR F 39 -21.87 32.80 -23.53
CA TYR F 39 -23.20 33.32 -23.75
C TYR F 39 -24.22 32.23 -24.12
N GLY F 40 -23.78 30.98 -24.11
CA GLY F 40 -24.65 29.85 -24.42
C GLY F 40 -25.30 29.95 -25.77
N LEU F 41 -24.51 30.14 -26.83
CA LEU F 41 -24.99 30.27 -28.21
C LEU F 41 -24.56 29.11 -29.08
N ASN F 42 -25.26 28.87 -30.19
CA ASN F 42 -24.79 27.90 -31.18
C ASN F 42 -23.87 28.58 -32.20
N GLU F 43 -23.36 27.80 -33.14
CA GLU F 43 -22.35 28.28 -34.09
C GLU F 43 -22.88 29.33 -35.05
N LYS F 44 -24.13 29.14 -35.48
CA LYS F 44 -24.73 30.07 -36.40
C LYS F 44 -25.02 31.40 -35.71
N GLU F 45 -25.30 31.37 -34.40
CA GLU F 45 -25.53 32.61 -33.66
C GLU F 45 -24.22 33.37 -33.51
N VAL F 46 -23.12 32.67 -33.63
CA VAL F 46 -21.81 33.29 -33.53
C VAL F 46 -21.37 33.80 -34.90
N GLN F 47 -21.74 33.09 -35.96
CA GLN F 47 -21.53 33.59 -37.31
C GLN F 47 -22.34 34.87 -37.53
N LEU F 48 -23.52 34.91 -36.93
CA LEU F 48 -24.41 36.07 -37.02
C LEU F 48 -23.78 37.33 -36.39
N ILE F 49 -23.22 37.21 -35.18
CA ILE F 49 -22.49 38.33 -34.57
C ILE F 49 -21.33 38.80 -35.45
N PHE F 50 -20.59 37.85 -36.01
CA PHE F 50 -19.45 38.19 -36.85
C PHE F 50 -19.86 38.71 -38.21
N ARG F 51 -21.02 38.26 -38.69
CA ARG F 51 -21.61 38.80 -39.92
C ARG F 51 -22.00 40.26 -39.73
N LEU F 52 -22.60 40.58 -38.59
CA LEU F 52 -22.90 41.97 -38.26
C LEU F 52 -21.61 42.75 -38.07
N LEU F 53 -20.71 42.22 -37.23
CA LEU F 53 -19.44 42.90 -36.92
C LEU F 53 -18.68 43.35 -38.17
N TYR F 54 -18.45 42.43 -39.10
CA TYR F 54 -17.69 42.73 -40.31
C TYR F 54 -18.48 43.41 -41.41
N SER F 55 -19.71 43.84 -41.12
CA SER F 55 -20.52 44.47 -42.15
C SER F 55 -20.19 45.94 -42.35
N ASP F 56 -20.20 46.36 -43.61
CA ASP F 56 -20.06 47.79 -43.96
C ASP F 56 -21.13 48.63 -43.25
N THR F 57 -22.35 48.10 -43.22
CA THR F 57 -23.53 48.83 -42.83
C THR F 57 -24.44 48.03 -41.91
N LYS F 58 -25.42 48.69 -41.32
CA LYS F 58 -26.44 48.04 -40.53
C LYS F 58 -27.28 47.16 -41.45
N LEU F 59 -27.75 46.04 -40.91
CA LEU F 59 -28.46 45.03 -41.71
C LEU F 59 -29.91 44.83 -41.27
N ASN F 60 -30.78 44.56 -42.24
CA ASN F 60 -32.19 44.24 -41.96
C ASN F 60 -32.40 42.72 -41.88
N ILE F 61 -33.58 42.29 -41.44
CA ILE F 61 -33.79 40.86 -41.18
C ILE F 61 -34.06 40.10 -42.47
N GLU F 62 -34.48 40.80 -43.52
CA GLU F 62 -34.73 40.12 -44.79
C GLU F 62 -33.42 39.64 -45.37
N GLU F 63 -32.42 40.52 -45.42
CA GLU F 63 -31.16 40.10 -46.00
C GLU F 63 -30.46 39.05 -45.12
N LEU F 64 -30.57 39.16 -43.80
CA LEU F 64 -30.00 38.15 -42.91
C LEU F 64 -30.70 36.81 -43.10
N ALA F 65 -32.02 36.83 -43.25
CA ALA F 65 -32.79 35.61 -43.46
C ALA F 65 -32.37 34.92 -44.75
N GLU F 66 -32.07 35.73 -45.76
CA GLU F 66 -31.68 35.21 -47.06
C GLU F 66 -30.34 34.52 -47.02
N GLU F 67 -29.33 35.15 -46.40
CA GLU F 67 -28.00 34.54 -46.41
C GLU F 67 -27.87 33.36 -45.43
N PHE F 68 -28.65 33.37 -44.36
CA PHE F 68 -28.68 32.24 -43.43
C PHE F 68 -29.69 31.17 -43.84
N LYS F 69 -30.39 31.41 -44.95
CA LYS F 69 -31.37 30.47 -45.50
C LYS F 69 -32.34 29.93 -44.45
N VAL F 70 -32.82 30.80 -43.56
CA VAL F 70 -33.83 30.44 -42.57
C VAL F 70 -35.03 31.37 -42.69
N SER F 71 -36.12 31.04 -42.02
CA SER F 71 -37.29 31.91 -42.03
C SER F 71 -36.99 33.24 -41.32
N LYS F 72 -37.72 34.28 -41.66
CA LYS F 72 -37.54 35.58 -41.01
C LYS F 72 -37.83 35.46 -39.52
N ALA F 73 -38.77 34.56 -39.17
CA ALA F 73 -39.15 34.34 -37.78
C ALA F 73 -37.97 33.87 -36.95
N LEU F 74 -37.22 32.92 -37.51
CA LEU F 74 -36.07 32.35 -36.82
C LEU F 74 -34.95 33.36 -36.64
N ILE F 75 -34.67 34.13 -37.68
CA ILE F 75 -33.60 35.10 -37.63
C ILE F 75 -34.00 36.18 -36.64
N SER F 76 -35.29 36.40 -36.49
CA SER F 76 -35.81 37.40 -35.58
C SER F 76 -35.60 36.95 -34.13
N LYS F 77 -35.87 35.67 -33.87
CA LYS F 77 -35.67 35.12 -32.53
C LYS F 77 -34.18 35.12 -32.12
N SER F 78 -33.30 34.77 -33.05
CA SER F 78 -31.86 34.77 -32.79
C SER F 78 -31.33 36.17 -32.49
N LEU F 79 -31.73 37.15 -33.31
CA LEU F 79 -31.33 38.54 -33.10
C LEU F 79 -31.85 39.07 -31.78
N SER F 80 -33.07 38.70 -31.46
CA SER F 80 -33.70 39.15 -30.22
C SER F 80 -32.94 38.62 -29.02
N GLU F 81 -32.63 37.32 -29.03
CA GLU F 81 -31.86 36.70 -27.97
C GLU F 81 -30.43 37.29 -27.87
N LEU F 82 -29.84 37.61 -29.01
CA LEU F 82 -28.52 38.24 -29.05
C LEU F 82 -28.54 39.65 -28.45
N ALA F 83 -29.61 40.38 -28.73
CA ALA F 83 -29.75 41.75 -28.22
C ALA F 83 -29.94 41.70 -26.72
N ASN F 84 -30.75 40.73 -26.28
CA ASN F 84 -31.06 40.60 -24.87
C ASN F 84 -29.85 40.22 -24.04
N LYS F 85 -28.87 39.57 -24.66
CA LYS F 85 -27.61 39.29 -23.99
C LYS F 85 -26.62 40.45 -24.15
N GLY F 86 -27.05 41.53 -24.79
CA GLY F 86 -26.23 42.72 -24.98
C GLY F 86 -25.10 42.58 -25.99
N LEU F 87 -25.23 41.61 -26.90
CA LEU F 87 -24.14 41.38 -27.85
C LEU F 87 -24.33 42.19 -29.13
N ILE F 88 -25.56 42.59 -29.42
CA ILE F 88 -25.85 43.42 -30.59
C ILE F 88 -26.84 44.53 -30.27
N GLU F 89 -26.92 45.50 -31.18
CA GLU F 89 -27.79 46.64 -31.03
C GLU F 89 -28.75 46.70 -32.22
N ARG F 90 -29.91 47.34 -32.02
CA ARG F 90 -30.73 47.68 -33.16
C ARG F 90 -31.13 49.13 -33.11
N GLU F 91 -31.53 49.60 -34.27
CA GLU F 91 -31.90 50.99 -34.46
C GLU F 91 -33.17 50.97 -35.29
N LYS F 92 -34.10 51.85 -34.91
CA LYS F 92 -35.30 52.08 -35.69
C LYS F 92 -35.02 53.07 -36.82
N VAL F 93 -35.25 52.64 -38.08
CA VAL F 93 -35.11 53.50 -39.26
C VAL F 93 -36.45 54.03 -39.83
N SER F 94 -37.55 53.44 -39.38
CA SER F 94 -38.87 53.98 -39.71
C SER F 94 -39.89 53.64 -38.63
N ASN F 95 -40.76 54.60 -38.31
CA ASN F 95 -41.92 54.36 -37.46
C ASN F 95 -43.08 53.84 -38.28
N GLU F 96 -42.94 53.95 -39.58
CA GLU F 96 -44.07 53.82 -40.47
C GLU F 96 -43.64 53.07 -41.72
N GLY F 97 -43.35 51.78 -41.56
CA GLY F 97 -42.95 50.95 -42.67
C GLY F 97 -44.17 50.20 -43.13
N ARG F 98 -44.00 49.11 -43.86
CA ARG F 98 -45.17 48.49 -44.43
C ARG F 98 -46.02 47.94 -43.29
N LYS F 99 -47.33 48.01 -43.46
CA LYS F 99 -48.32 47.64 -42.45
C LYS F 99 -48.32 48.57 -41.21
N GLY F 100 -47.58 49.68 -41.27
CA GLY F 100 -47.50 50.63 -40.17
C GLY F 100 -46.59 50.22 -38.99
N ARG F 101 -45.88 49.11 -39.11
CA ARG F 101 -45.01 48.69 -38.03
C ARG F 101 -43.64 49.32 -38.16
N PRO F 102 -42.93 49.46 -37.04
CA PRO F 102 -41.56 49.97 -37.04
C PRO F 102 -40.63 49.07 -37.87
N ILE F 103 -39.61 49.65 -38.49
CA ILE F 103 -38.60 48.91 -39.23
C ILE F 103 -37.27 49.08 -38.52
N TYR F 104 -36.61 47.96 -38.23
CA TYR F 104 -35.34 48.02 -37.51
C TYR F 104 -34.21 47.53 -38.37
N VAL F 105 -33.02 48.05 -38.08
CA VAL F 105 -31.81 47.46 -38.60
C VAL F 105 -30.87 47.08 -37.44
N TYR F 106 -29.99 46.12 -37.72
CA TYR F 106 -29.18 45.53 -36.68
C TYR F 106 -27.71 45.71 -36.98
N TYR F 107 -26.94 45.84 -35.90
CA TYR F 107 -25.52 46.05 -36.00
C TYR F 107 -24.80 45.68 -34.73
N VAL F 108 -23.48 45.58 -34.81
CA VAL F 108 -22.66 45.44 -33.63
C VAL F 108 -22.02 46.76 -33.29
N ASP F 109 -22.11 47.16 -32.03
CA ASP F 109 -21.38 48.32 -31.53
C ASP F 109 -20.05 47.85 -30.99
N ARG F 110 -18.98 48.11 -31.73
CA ARG F 110 -17.68 47.52 -31.43
C ARG F 110 -17.17 47.81 -30.01
N GLU F 111 -17.15 49.08 -29.61
CA GLU F 111 -16.71 49.41 -28.26
C GLU F 111 -17.56 48.69 -27.19
N GLN F 112 -18.87 48.60 -27.40
CA GLN F 112 -19.73 47.99 -26.41
C GLN F 112 -19.59 46.47 -26.43
N LEU F 113 -19.45 45.90 -27.61
CA LEU F 113 -19.24 44.45 -27.68
C LEU F 113 -17.94 44.07 -26.98
N PHE F 114 -16.84 44.79 -27.26
CA PHE F 114 -15.56 44.48 -26.65
C PHE F 114 -15.60 44.69 -25.13
N LYS F 115 -16.28 45.75 -24.71
CA LYS F 115 -16.45 46.05 -23.29
C LYS F 115 -17.22 44.94 -22.56
N ARG F 116 -18.27 44.43 -23.19
CA ARG F 116 -19.07 43.41 -22.53
C ARG F 116 -18.28 42.11 -22.44
N ILE F 117 -17.72 41.66 -23.56
CA ILE F 117 -16.98 40.41 -23.55
C ILE F 117 -15.79 40.46 -22.59
N SER F 118 -15.00 41.52 -22.70
CA SER F 118 -13.72 41.55 -22.01
C SER F 118 -13.98 41.63 -20.51
N ARG F 119 -15.02 42.36 -20.12
CA ARG F 119 -15.35 42.47 -18.70
C ARG F 119 -16.07 41.23 -18.21
N ASP F 120 -16.78 40.54 -19.09
CA ASP F 120 -17.42 39.28 -18.72
C ASP F 120 -16.35 38.21 -18.44
N LEU F 121 -15.34 38.15 -19.29
CA LEU F 121 -14.18 37.29 -19.09
C LEU F 121 -13.44 37.56 -17.77
N GLU F 122 -13.11 38.82 -17.52
CA GLU F 122 -12.39 39.19 -16.31
C GLU F 122 -13.17 38.74 -15.08
N GLU F 123 -14.50 38.89 -15.14
CA GLU F 123 -15.35 38.49 -14.04
C GLU F 123 -15.38 36.97 -13.90
N LEU F 124 -15.50 36.29 -15.03
CA LEU F 124 -15.45 34.83 -15.07
C LEU F 124 -14.17 34.26 -14.46
N VAL F 125 -13.00 34.79 -14.82
CA VAL F 125 -11.77 34.22 -14.34
C VAL F 125 -11.60 34.51 -12.84
N GLN F 126 -12.04 35.67 -12.36
CA GLN F 126 -11.83 35.96 -10.95
C GLN F 126 -12.81 35.22 -10.04
N ALA F 127 -14.03 34.96 -10.53
CA ALA F 127 -15.02 34.19 -9.77
C ALA F 127 -14.70 32.70 -9.81
N SER F 128 -14.23 32.22 -10.95
CA SER F 128 -13.81 30.83 -11.07
C SER F 128 -12.59 30.49 -10.22
N ILE F 129 -11.66 31.42 -10.12
CA ILE F 129 -10.45 31.15 -9.34
C ILE F 129 -10.77 31.21 -7.84
N ALA F 130 -11.75 32.02 -7.46
CA ALA F 130 -12.15 32.07 -6.05
C ALA F 130 -12.93 30.82 -5.69
N LYS F 131 -13.73 30.31 -6.62
CA LYS F 131 -14.45 29.09 -6.36
C LYS F 131 -13.49 27.88 -6.32
N LEU F 132 -12.53 27.81 -7.25
CA LEU F 132 -11.57 26.71 -7.28
C LEU F 132 -10.76 26.54 -6.00
N LYS F 133 -10.27 27.65 -5.43
CA LYS F 133 -9.51 27.50 -4.20
C LYS F 133 -10.40 27.20 -3.01
N GLU F 134 -11.69 27.50 -3.12
CA GLU F 134 -12.64 26.96 -2.14
C GLU F 134 -12.68 25.44 -2.27
N TYR F 135 -12.89 24.95 -3.50
CA TYR F 135 -12.91 23.52 -3.77
C TYR F 135 -11.59 22.81 -3.45
N ILE F 136 -10.48 23.36 -3.93
CA ILE F 136 -9.17 22.71 -3.79
C ILE F 136 -8.63 22.72 -2.37
N PHE F 137 -8.83 23.80 -1.63
CA PHE F 137 -8.23 23.90 -0.30
C PHE F 137 -9.22 23.85 0.87
N LYS F 138 -10.50 24.03 0.55
CA LYS F 138 -11.55 24.15 1.57
C LYS F 138 -11.29 25.32 2.53
C1 GOL G . 7.92 0.35 27.47
O1 GOL G . 6.80 -0.16 28.15
C2 GOL G . 7.66 0.36 25.96
O2 GOL G . 8.15 1.55 25.40
C3 GOL G . 8.37 -0.82 25.30
O3 GOL G . 8.29 -0.68 23.90
C1 GOL H . 7.47 11.58 5.60
O1 GOL H . 7.64 10.25 6.04
C2 GOL H . 6.01 11.88 5.27
O2 GOL H . 5.56 12.99 6.01
C3 GOL H . 5.83 12.19 3.79
O3 GOL H . 4.45 12.42 3.56
C1 GOL I . 12.47 3.61 -6.91
O1 GOL I . 13.78 3.10 -6.87
C2 GOL I . 11.69 2.88 -8.00
O2 GOL I . 10.32 2.84 -7.70
C3 GOL I . 11.86 3.63 -9.31
O3 GOL I . 10.81 3.26 -10.17
C1 MPD J . 18.11 13.15 28.00
C2 MPD J . 19.16 12.58 27.06
O2 MPD J . 18.53 11.64 26.19
CM MPD J . 19.80 13.67 26.23
C3 MPD J . 20.23 11.85 27.87
C4 MPD J . 19.79 10.44 28.26
O4 MPD J . 20.72 9.89 29.20
C5 MPD J . 18.39 10.45 28.86
C1 MPD K . 18.65 -5.83 8.52
C2 MPD K . 18.57 -4.68 9.50
O2 MPD K . 17.19 -4.32 9.67
CM MPD K . 19.12 -5.10 10.86
C3 MPD K . 19.32 -3.47 8.98
C4 MPD K . 18.54 -2.81 7.86
O4 MPD K . 17.22 -2.52 8.33
C5 MPD K . 19.22 -1.53 7.41
C1 MPD L . 3.32 -6.32 17.75
C2 MPD L . 4.46 -6.39 16.74
O2 MPD L . 3.93 -6.07 15.44
CM MPD L . 5.54 -5.38 17.09
C3 MPD L . 5.04 -7.80 16.67
C4 MPD L . 4.03 -8.80 16.11
O4 MPD L . 3.72 -8.47 14.75
C5 MPD L . 4.58 -10.22 16.18
C1 MPD M . 18.82 10.93 33.78
C2 MPD M . 20.04 11.81 33.99
O2 MPD M . 19.73 12.80 34.98
CM MPD M . 21.22 10.98 34.49
C3 MPD M . 20.42 12.52 32.70
C4 MPD M . 19.48 13.68 32.38
O4 MPD M . 18.13 13.29 32.65
C5 MPD M . 19.84 14.91 33.21
C1 GOL N . 13.35 -35.22 -22.77
O1 GOL N . 12.57 -35.13 -23.94
C2 GOL N . 12.53 -35.91 -21.68
O2 GOL N . 11.41 -35.11 -21.39
C3 GOL N . 12.03 -37.25 -22.20
O3 GOL N . 13.13 -38.11 -22.36
C1 GOL O . -17.21 -21.01 6.24
O1 GOL O . -15.85 -21.26 6.54
C2 GOL O . -17.30 -19.76 5.37
O2 GOL O . -16.08 -19.61 4.68
C3 GOL O . -18.40 -19.92 4.33
O3 GOL O . -18.75 -18.66 3.83
C1 GOL P . 2.08 -28.86 -7.23
O1 GOL P . 1.66 -30.18 -6.94
C2 GOL P . 1.77 -28.53 -8.69
O2 GOL P . 2.12 -27.20 -8.99
C3 GOL P . 0.30 -28.77 -8.99
O3 GOL P . 0.01 -30.14 -8.88
C1 MPD Q . 9.05 -42.01 -28.38
C2 MPD Q . 8.61 -43.08 -27.39
O2 MPD Q . 9.76 -43.63 -26.76
CM MPD Q . 7.69 -42.49 -26.33
C3 MPD Q . 7.89 -44.21 -28.13
C4 MPD Q . 8.88 -45.11 -28.85
O4 MPD Q . 8.24 -46.35 -29.18
C5 MPD Q . 9.39 -44.46 -30.13
C1 MPD R . 8.13 -31.33 -15.65
C2 MPD R . 8.55 -29.91 -15.33
O2 MPD R . 9.14 -29.87 -14.03
CM MPD R . 9.56 -29.41 -16.35
C3 MPD R . 7.32 -29.00 -15.33
C4 MPD R . 6.20 -29.59 -14.47
O4 MPD R . 6.61 -29.57 -13.10
C5 MPD R . 4.92 -28.78 -14.61
C1 MPD S . -16.06 -7.72 8.01
C2 MPD S . -16.36 -8.15 6.59
O2 MPD S . -17.61 -8.83 6.64
CM MPD S . -16.43 -6.94 5.69
C3 MPD S . -15.31 -9.13 6.10
C4 MPD S . -15.53 -10.54 6.61
O4 MPD S . -14.32 -11.29 6.55
C5 MPD S . -16.01 -10.57 8.05
C1 MPD T . -12.78 -24.63 11.22
C2 MPD T . -13.35 -23.44 10.47
O2 MPD T . -14.33 -22.79 11.28
CM MPD T . -12.23 -22.44 10.18
C3 MPD T . -13.99 -23.86 9.15
C4 MPD T . -14.88 -25.09 9.33
O4 MPD T . -14.06 -26.26 9.47
C5 MPD T . -15.79 -24.96 10.55
C1 MPD U . -13.79 8.63 -19.49
C2 MPD U . -15.02 8.07 -18.79
O2 MPD U . -14.89 6.64 -18.69
CM MPD U . -15.14 8.65 -17.39
C3 MPD U . -16.27 8.39 -19.60
C4 MPD U . -16.41 7.44 -20.79
O4 MPD U . -17.69 7.63 -21.39
C5 MPD U . -15.32 7.69 -21.82
C1 GOL V . -37.72 59.70 -35.17
O1 GOL V . -38.65 60.69 -35.53
C2 GOL V . -37.36 58.78 -36.34
O2 GOL V . -35.95 58.63 -36.47
C3 GOL V . -37.94 57.41 -36.08
O3 GOL V . -37.64 56.61 -37.20
C1 MPD W . -19.66 47.88 -39.37
C2 MPD W . -20.33 48.28 -38.07
O2 MPD W . -19.84 47.43 -37.03
CM MPD W . -20.02 49.73 -37.73
C3 MPD W . -21.84 48.07 -38.18
C4 MPD W . -22.16 46.59 -38.25
O4 MPD W . -21.97 46.02 -36.95
C5 MPD W . -23.59 46.36 -38.70
C1 MPD X . -28.23 31.39 -35.68
C2 MPD X . -29.39 30.80 -36.48
O2 MPD X . -30.61 31.31 -35.95
CM MPD X . -29.28 31.20 -37.94
C3 MPD X . -29.40 29.28 -36.36
C4 MPD X . -29.49 28.85 -34.90
O4 MPD X . -30.68 29.38 -34.32
C5 MPD X . -29.50 27.34 -34.78
#